data_3RTK
#
_entry.id   3RTK
#
_cell.length_a   58.190
_cell.length_b   111.980
_cell.length_c   77.280
_cell.angle_alpha   90.00
_cell.angle_beta   95.50
_cell.angle_gamma   90.00
#
_symmetry.space_group_name_H-M   'P 1 21 1'
#
loop_
_entity.id
_entity.type
_entity.pdbx_description
1 polymer '60 kDa chaperonin 2'
2 non-polymer 'MAGNESIUM ION'
3 water water
#
_entity_poly.entity_id   1
_entity_poly.type   'polypeptide(L)'
_entity_poly.pdbx_seq_one_letter_code
;MAKTIAYDEEARRGLERGLNALADAVKVTLGPKGRNVVLEKKWGAPTITNDGVSIAKEIELEDPYEKIGAELVKEVAKKT
DDVAGDGTTTATVLAQALVREGLRNVAAGANPLGLKRGIEKAVEKVTETLLKGAKEVETKEQIAATAAISAGDQSIGDLI
AEAMDKVGNEGVITVEESNTFGLQLELTEGMRFDKGYISGYFVTDPERQEAVLEDPYILLVSSKVSTVKDLLPLLEKVIG
AGKPLLIIAEDVEGEALSTLVVNKIRGTFKSVAVKAPGFGDRRKAMLQDMAILTGGQVISEEVGLTLENADLSLLGKARK
VVVTKDETTIVEGAGDTDAIAGRVAQIRQEIENSDSDYDREKLQERLAKLAGGVAVIKAGAATEVELKERKHRIEDAVRN
AKAAVEEGIVAGGGVTLLQAAPTLDELKLEGDEATGANIVKVALEAPLKQIAFNSGLEPGVVAEKVRNLPAGHGLNAQTG
VYEDLLAAGVADPVKVTRSALQNAASIAGLFLTTEAVVADKPEKEKASVPGGGDMGGMDFHHHHHH
;
_entity_poly.pdbx_strand_id   A,B
#
loop_
_chem_comp.id
_chem_comp.type
_chem_comp.name
_chem_comp.formula
MG non-polymer 'MAGNESIUM ION' 'Mg 2'
#
# COMPACT_ATOMS: atom_id res chain seq x y z
N LEU A 61 -52.99 31.22 -8.49
CA LEU A 61 -54.11 30.38 -8.94
C LEU A 61 -53.72 28.91 -9.15
N GLU A 62 -53.31 28.25 -8.08
CA GLU A 62 -52.90 26.86 -8.13
C GLU A 62 -54.10 25.94 -8.37
N ASP A 63 -53.90 24.88 -9.14
CA ASP A 63 -54.96 23.93 -9.45
C ASP A 63 -54.87 22.85 -8.37
N PRO A 64 -55.94 22.70 -7.59
CA PRO A 64 -56.03 21.62 -6.60
C PRO A 64 -55.48 20.31 -7.14
N TYR A 65 -55.66 20.06 -8.43
CA TYR A 65 -55.17 18.84 -9.06
C TYR A 65 -53.67 18.90 -9.28
N GLU A 66 -53.24 19.80 -10.16
CA GLU A 66 -51.85 19.96 -10.47
C GLU A 66 -51.08 20.05 -9.16
N LYS A 67 -51.76 20.55 -8.13
CA LYS A 67 -51.19 20.74 -6.80
C LYS A 67 -51.05 19.36 -6.14
N ILE A 68 -52.15 18.63 -6.11
CA ILE A 68 -52.17 17.26 -5.62
C ILE A 68 -51.15 16.38 -6.36
N GLY A 69 -50.68 16.83 -7.52
CA GLY A 69 -49.79 16.01 -8.33
C GLY A 69 -48.33 16.44 -8.32
N ALA A 70 -48.10 17.75 -8.41
CA ALA A 70 -46.79 18.31 -8.17
C ALA A 70 -46.35 17.71 -6.87
N GLU A 71 -47.28 17.69 -5.92
CA GLU A 71 -47.00 17.19 -4.59
C GLU A 71 -46.58 15.71 -4.61
N LEU A 72 -47.34 14.90 -5.33
CA LEU A 72 -47.03 13.49 -5.47
C LEU A 72 -45.65 13.30 -6.10
N VAL A 73 -45.27 14.19 -7.02
CA VAL A 73 -43.98 14.12 -7.70
C VAL A 73 -42.82 14.36 -6.75
N LYS A 74 -42.90 15.47 -6.03
CA LYS A 74 -41.92 15.82 -5.00
C LYS A 74 -41.54 14.61 -4.14
N GLU A 75 -42.53 13.78 -3.81
CA GLU A 75 -42.27 12.59 -3.01
C GLU A 75 -41.50 11.51 -3.78
N VAL A 76 -41.89 11.27 -5.03
CA VAL A 76 -41.18 10.27 -5.82
C VAL A 76 -39.77 10.76 -6.12
N ALA A 77 -39.53 12.06 -5.94
CA ALA A 77 -38.20 12.62 -6.15
C ALA A 77 -37.31 12.33 -4.95
N LYS A 78 -37.91 12.39 -3.76
CA LYS A 78 -37.16 12.13 -2.52
C LYS A 78 -36.85 10.65 -2.37
N LYS A 79 -36.78 9.94 -3.48
CA LYS A 79 -36.49 8.52 -3.48
C LYS A 79 -35.01 8.24 -3.68
N THR A 80 -34.50 8.67 -4.82
CA THR A 80 -33.09 8.52 -5.14
C THR A 80 -32.54 9.76 -5.82
N ASP A 81 -31.34 10.19 -5.46
CA ASP A 81 -30.66 11.22 -6.24
C ASP A 81 -29.78 12.18 -5.46
N THR A 89 -33.38 21.01 -5.45
CA THR A 89 -33.22 19.82 -6.26
C THR A 89 -33.71 20.08 -7.67
N THR A 90 -32.74 20.32 -8.55
CA THR A 90 -33.01 20.57 -9.95
C THR A 90 -33.93 19.50 -10.57
N ALA A 91 -33.71 18.23 -10.26
CA ALA A 91 -34.52 17.19 -10.85
C ALA A 91 -35.99 17.32 -10.47
N THR A 92 -36.27 17.73 -9.23
CA THR A 92 -37.65 17.73 -8.77
C THR A 92 -38.47 18.76 -9.54
N VAL A 93 -37.91 19.96 -9.67
CA VAL A 93 -38.59 20.98 -10.47
C VAL A 93 -38.77 20.53 -11.93
N LEU A 94 -37.72 19.96 -12.50
CA LEU A 94 -37.79 19.34 -13.82
C LEU A 94 -38.92 18.33 -13.89
N ALA A 95 -38.98 17.42 -12.93
CA ALA A 95 -39.94 16.32 -12.99
C ALA A 95 -41.37 16.81 -12.83
N GLN A 96 -41.55 17.81 -11.96
CA GLN A 96 -42.85 18.39 -11.78
C GLN A 96 -43.29 19.08 -13.07
N ALA A 97 -42.37 19.87 -13.64
CA ALA A 97 -42.63 20.58 -14.90
C ALA A 97 -42.99 19.62 -16.02
N LEU A 98 -42.33 18.48 -16.09
CA LEU A 98 -42.63 17.52 -17.12
C LEU A 98 -43.97 16.86 -16.88
N VAL A 99 -44.30 16.63 -15.61
CA VAL A 99 -45.52 15.89 -15.29
C VAL A 99 -46.79 16.73 -15.44
N ARG A 100 -46.77 17.95 -14.92
CA ARG A 100 -47.98 18.76 -15.02
C ARG A 100 -48.25 19.17 -16.46
N GLU A 101 -47.22 19.69 -17.13
CA GLU A 101 -47.28 19.96 -18.57
C GLU A 101 -47.68 18.69 -19.30
N GLY A 102 -47.08 17.57 -18.94
CA GLY A 102 -47.45 16.28 -19.49
C GLY A 102 -48.89 15.86 -19.21
N LEU A 103 -49.46 16.38 -18.13
CA LEU A 103 -50.82 16.05 -17.74
C LEU A 103 -51.82 16.88 -18.53
N ARG A 104 -51.60 18.19 -18.55
CA ARG A 104 -52.45 19.07 -19.33
C ARG A 104 -52.66 18.46 -20.69
N ASN A 105 -51.56 18.20 -21.37
CA ASN A 105 -51.58 17.59 -22.69
C ASN A 105 -52.30 16.24 -22.75
N VAL A 106 -52.11 15.41 -21.74
CA VAL A 106 -52.85 14.14 -21.70
C VAL A 106 -54.33 14.43 -21.57
N ALA A 107 -54.66 15.49 -20.84
CA ALA A 107 -56.06 15.91 -20.63
C ALA A 107 -56.56 16.74 -21.81
N ALA A 108 -55.88 16.65 -22.94
CA ALA A 108 -56.29 17.33 -24.15
C ALA A 108 -56.28 16.34 -25.31
N GLY A 109 -56.42 15.06 -25.00
CA GLY A 109 -56.42 14.02 -26.00
C GLY A 109 -55.11 13.27 -26.11
N ALA A 110 -54.01 14.01 -26.26
CA ALA A 110 -52.68 13.42 -26.47
C ALA A 110 -52.33 12.20 -25.64
N ASN A 111 -51.72 11.21 -26.28
CA ASN A 111 -51.50 9.91 -25.64
C ASN A 111 -50.27 9.89 -24.72
N PRO A 112 -50.38 9.22 -23.55
CA PRO A 112 -49.23 9.12 -22.65
C PRO A 112 -48.06 8.51 -23.38
N LEU A 113 -48.16 7.23 -23.72
CA LEU A 113 -47.06 6.49 -24.35
C LEU A 113 -46.38 7.32 -25.41
N GLY A 114 -47.16 8.08 -26.15
CA GLY A 114 -46.63 8.91 -27.21
C GLY A 114 -45.77 10.04 -26.70
N LEU A 115 -46.31 10.83 -25.78
CA LEU A 115 -45.60 12.00 -25.22
C LEU A 115 -44.31 11.56 -24.55
N LYS A 116 -44.40 10.46 -23.81
CA LYS A 116 -43.27 9.94 -23.04
C LYS A 116 -42.11 9.55 -23.94
N ARG A 117 -42.37 8.58 -24.82
CA ARG A 117 -41.42 8.17 -25.86
C ARG A 117 -40.72 9.42 -26.37
N GLY A 118 -41.53 10.39 -26.78
CA GLY A 118 -41.05 11.69 -27.22
C GLY A 118 -40.15 12.42 -26.23
N ILE A 119 -40.57 12.49 -24.99
CA ILE A 119 -39.71 13.09 -23.97
C ILE A 119 -38.33 12.39 -23.93
N GLU A 120 -38.34 11.06 -23.89
CA GLU A 120 -37.11 10.27 -23.86
C GLU A 120 -36.15 10.70 -24.97
N LYS A 121 -36.64 10.70 -26.22
CA LYS A 121 -35.83 11.12 -27.36
C LYS A 121 -35.43 12.58 -27.26
N ALA A 122 -36.32 13.40 -26.73
CA ALA A 122 -36.02 14.80 -26.53
C ALA A 122 -34.90 14.99 -25.48
N VAL A 123 -34.80 14.08 -24.53
CA VAL A 123 -33.82 14.22 -23.45
C VAL A 123 -32.43 13.88 -23.96
N GLU A 124 -32.34 12.79 -24.71
CA GLU A 124 -31.13 12.44 -25.43
C GLU A 124 -30.50 13.65 -26.09
N LYS A 125 -31.18 14.19 -27.09
CA LYS A 125 -30.65 15.37 -27.74
C LYS A 125 -30.06 16.32 -26.71
N VAL A 126 -30.82 16.67 -25.68
CA VAL A 126 -30.34 17.66 -24.72
C VAL A 126 -29.06 17.20 -24.05
N THR A 127 -28.87 15.89 -24.05
CA THR A 127 -27.69 15.26 -23.46
C THR A 127 -26.42 15.52 -24.30
N GLU A 128 -26.37 15.03 -25.53
CA GLU A 128 -25.18 15.25 -26.37
C GLU A 128 -24.81 16.70 -26.37
N THR A 129 -25.82 17.57 -26.44
CA THR A 129 -25.61 19.01 -26.42
C THR A 129 -24.94 19.53 -25.15
N LEU A 130 -25.35 19.03 -24.00
CA LEU A 130 -24.78 19.50 -22.74
C LEU A 130 -23.35 19.00 -22.58
N LEU A 131 -23.13 17.74 -22.96
CA LEU A 131 -21.79 17.21 -23.01
C LEU A 131 -20.96 18.16 -23.86
N LYS A 132 -21.44 18.46 -25.07
CA LYS A 132 -20.74 19.33 -26.01
C LYS A 132 -20.37 20.73 -25.47
N GLY A 133 -21.30 21.38 -24.77
CA GLY A 133 -21.05 22.72 -24.25
C GLY A 133 -20.31 22.69 -22.93
N ALA A 134 -19.38 21.74 -22.80
CA ALA A 134 -18.69 21.46 -21.54
C ALA A 134 -17.27 22.03 -21.42
N LYS A 135 -17.15 23.08 -20.61
CA LYS A 135 -15.85 23.60 -20.22
C LYS A 135 -15.10 22.51 -19.47
N GLU A 136 -14.00 22.04 -20.06
CA GLU A 136 -13.20 20.98 -19.44
C GLU A 136 -12.42 21.46 -18.23
N VAL A 137 -12.04 20.50 -17.39
CA VAL A 137 -11.26 20.80 -16.20
C VAL A 137 -10.16 19.76 -16.01
N GLU A 138 -8.92 20.22 -15.85
CA GLU A 138 -7.76 19.34 -15.72
C GLU A 138 -7.00 19.94 -14.54
N THR A 139 -6.57 21.19 -14.68
CA THR A 139 -5.73 21.84 -13.68
C THR A 139 -6.15 21.95 -12.22
N LYS A 140 -5.15 21.87 -11.34
CA LYS A 140 -5.33 22.05 -9.89
C LYS A 140 -6.07 23.36 -9.55
N GLU A 141 -5.89 24.38 -10.39
CA GLU A 141 -6.63 25.62 -10.22
C GLU A 141 -8.11 25.30 -10.39
N GLN A 142 -8.48 24.95 -11.63
CA GLN A 142 -9.87 24.64 -11.98
C GLN A 142 -10.53 23.73 -10.95
N ILE A 143 -10.03 22.50 -10.86
CA ILE A 143 -10.50 21.54 -9.88
C ILE A 143 -10.69 22.15 -8.49
N ALA A 144 -9.68 22.85 -7.99
CA ALA A 144 -9.80 23.48 -6.68
C ALA A 144 -11.04 24.36 -6.66
N ALA A 145 -11.18 25.16 -7.72
CA ALA A 145 -12.26 26.13 -7.85
C ALA A 145 -13.65 25.51 -7.72
N THR A 146 -13.84 24.41 -8.45
CA THR A 146 -15.09 23.66 -8.43
C THR A 146 -15.52 23.27 -7.01
N ALA A 147 -14.65 22.54 -6.32
CA ALA A 147 -15.01 21.97 -5.02
C ALA A 147 -15.36 23.05 -4.00
N ALA A 148 -14.66 24.17 -4.06
CA ALA A 148 -14.89 25.28 -3.14
C ALA A 148 -16.32 25.81 -3.25
N ILE A 149 -16.84 25.82 -4.48
CA ILE A 149 -18.23 26.16 -4.75
C ILE A 149 -19.17 25.15 -4.11
N SER A 150 -18.93 23.88 -4.39
CA SER A 150 -19.84 22.83 -3.96
C SER A 150 -19.73 22.56 -2.47
N ALA A 151 -18.84 23.30 -1.82
CA ALA A 151 -18.58 23.10 -0.40
C ALA A 151 -18.88 24.35 0.42
N GLY A 152 -18.94 25.49 -0.25
CA GLY A 152 -19.05 26.78 0.41
C GLY A 152 -17.86 27.05 1.32
N ASP A 153 -16.66 26.96 0.76
CA ASP A 153 -15.43 27.25 1.49
C ASP A 153 -14.42 27.17 0.34
N GLN A 154 -13.32 27.91 0.45
CA GLN A 154 -12.22 27.72 -0.48
C GLN A 154 -11.05 26.95 0.14
N SER A 155 -10.95 26.97 1.47
CA SER A 155 -10.00 26.07 2.10
C SER A 155 -10.30 24.68 1.56
N ILE A 156 -11.55 24.25 1.74
CA ILE A 156 -12.02 22.94 1.26
C ILE A 156 -11.62 22.67 -0.18
N GLY A 157 -12.12 23.50 -1.10
CA GLY A 157 -11.75 23.36 -2.49
C GLY A 157 -10.31 22.94 -2.64
N ASP A 158 -9.39 23.83 -2.26
CA ASP A 158 -7.96 23.53 -2.30
C ASP A 158 -7.64 22.17 -1.69
N LEU A 159 -8.03 22.01 -0.43
CA LEU A 159 -7.74 20.79 0.32
C LEU A 159 -8.12 19.54 -0.44
N ILE A 160 -9.11 19.67 -1.31
CA ILE A 160 -9.57 18.55 -2.12
C ILE A 160 -8.77 18.50 -3.42
N ALA A 161 -8.48 19.66 -3.97
CA ALA A 161 -7.72 19.73 -5.19
C ALA A 161 -6.34 19.19 -4.90
N GLU A 162 -5.86 19.51 -3.69
CA GLU A 162 -4.60 19.00 -3.20
C GLU A 162 -4.75 17.49 -3.09
N ALA A 163 -5.71 17.08 -2.27
CA ALA A 163 -6.01 15.67 -2.06
C ALA A 163 -6.06 14.90 -3.37
N MET A 164 -6.31 15.60 -4.46
CA MET A 164 -6.48 14.94 -5.75
C MET A 164 -5.16 14.94 -6.52
N ASP A 165 -4.29 15.82 -6.05
CA ASP A 165 -2.97 15.92 -6.57
C ASP A 165 -2.32 14.64 -6.19
N LYS A 166 -2.14 14.45 -4.88
CA LYS A 166 -1.47 13.28 -4.34
C LYS A 166 -1.90 11.85 -4.67
N VAL A 167 -3.11 11.49 -4.23
CA VAL A 167 -3.64 10.16 -4.47
C VAL A 167 -4.10 10.00 -5.91
N GLY A 168 -4.08 11.11 -6.66
CA GLY A 168 -4.50 11.10 -8.04
C GLY A 168 -5.99 11.32 -8.04
N ASN A 169 -6.58 11.40 -9.24
CA ASN A 169 -7.85 12.04 -9.55
C ASN A 169 -9.04 11.12 -9.29
N GLU A 170 -8.88 9.84 -9.59
CA GLU A 170 -9.94 8.86 -9.37
C GLU A 170 -9.62 7.97 -8.17
N GLY A 171 -8.72 8.43 -7.32
CA GLY A 171 -8.34 7.69 -6.13
C GLY A 171 -9.38 7.78 -5.02
N VAL A 172 -9.08 7.18 -3.88
CA VAL A 172 -9.99 7.18 -2.75
C VAL A 172 -9.72 8.37 -1.83
N ILE A 173 -10.76 9.13 -1.52
CA ILE A 173 -10.64 10.29 -0.66
C ILE A 173 -11.69 10.17 0.43
N THR A 174 -11.26 9.79 1.62
CA THR A 174 -12.15 9.58 2.74
C THR A 174 -12.35 10.83 3.61
N VAL A 175 -13.54 11.00 4.16
CA VAL A 175 -13.73 12.08 5.11
C VAL A 175 -14.16 11.54 6.46
N GLU A 176 -13.38 11.87 7.48
CA GLU A 176 -13.84 11.59 8.83
C GLU A 176 -13.90 12.84 9.69
N GLU A 177 -14.82 12.83 10.66
CA GLU A 177 -14.96 13.91 11.64
C GLU A 177 -13.93 13.78 12.75
N SER A 178 -12.96 14.69 12.74
CA SER A 178 -11.90 14.67 13.74
C SER A 178 -12.28 15.74 14.75
N ASN A 179 -11.40 15.98 15.72
CA ASN A 179 -11.71 16.79 16.89
C ASN A 179 -10.72 17.94 17.00
N THR A 180 -9.66 17.88 16.19
CA THR A 180 -8.76 19.02 15.96
C THR A 180 -9.52 20.04 15.12
N PHE A 181 -8.92 21.20 14.84
CA PHE A 181 -9.67 22.33 14.24
C PHE A 181 -9.45 22.51 12.72
N GLY A 182 -8.19 22.61 12.32
CA GLY A 182 -7.88 22.82 10.90
C GLY A 182 -8.15 21.56 10.12
N LEU A 183 -9.14 21.59 9.23
CA LEU A 183 -9.42 20.46 8.36
C LEU A 183 -8.16 19.75 7.89
N GLN A 184 -8.03 18.46 8.21
CA GLN A 184 -6.75 17.78 7.99
C GLN A 184 -6.61 16.87 6.77
N LEU A 185 -5.52 17.06 6.05
CA LEU A 185 -5.12 16.12 5.00
C LEU A 185 -3.99 15.21 5.45
N GLU A 186 -4.35 13.96 5.73
CA GLU A 186 -3.38 12.92 5.99
C GLU A 186 -3.44 11.90 4.85
N LEU A 187 -2.28 11.52 4.30
CA LEU A 187 -2.27 10.39 3.36
C LEU A 187 -1.80 9.12 4.07
N THR A 188 -2.43 7.99 3.76
CA THR A 188 -2.05 6.70 4.34
C THR A 188 -2.19 5.56 3.33
N GLU A 189 -1.65 4.38 3.64
CA GLU A 189 -1.85 3.21 2.79
C GLU A 189 -3.29 2.81 2.97
N GLY A 190 -3.84 2.09 1.99
CA GLY A 190 -5.22 1.66 2.11
C GLY A 190 -5.86 1.22 0.82
N MET A 191 -7.17 1.00 0.86
CA MET A 191 -7.86 0.44 -0.28
C MET A 191 -9.36 0.50 -0.22
N ARG A 192 -9.97 0.69 -1.38
CA ARG A 192 -11.41 0.63 -1.53
C ARG A 192 -11.75 -0.39 -2.58
N PHE A 193 -12.63 -1.34 -2.26
CA PHE A 193 -13.19 -2.21 -3.29
C PHE A 193 -14.71 -2.24 -3.35
N ASP A 194 -15.23 -2.79 -4.45
CA ASP A 194 -16.63 -2.65 -4.85
C ASP A 194 -17.33 -3.89 -4.26
N LYS A 195 -17.48 -3.92 -2.93
CA LYS A 195 -18.38 -4.83 -2.25
C LYS A 195 -18.70 -4.31 -0.86
N GLY A 196 -20.01 -4.16 -0.58
CA GLY A 196 -20.48 -3.73 0.72
C GLY A 196 -20.78 -4.88 1.68
N TYR A 197 -21.48 -4.56 2.76
CA TYR A 197 -21.80 -5.56 3.78
C TYR A 197 -22.76 -6.66 3.30
N ILE A 198 -22.39 -7.91 3.58
CA ILE A 198 -23.21 -9.06 3.21
C ILE A 198 -24.64 -8.91 3.71
N SER A 199 -24.80 -8.19 4.82
CA SER A 199 -26.06 -7.94 5.50
C SER A 199 -26.03 -6.54 6.11
N GLY A 200 -27.19 -5.87 6.14
CA GLY A 200 -27.30 -4.48 6.57
C GLY A 200 -27.32 -4.36 8.09
N TYR A 201 -27.52 -5.51 8.73
CA TYR A 201 -27.46 -5.56 10.18
C TYR A 201 -26.07 -5.21 10.71
N PHE A 202 -25.08 -5.14 9.84
CA PHE A 202 -23.74 -4.79 10.31
C PHE A 202 -23.63 -3.31 10.43
N VAL A 203 -24.71 -2.60 10.08
CA VAL A 203 -24.65 -1.14 10.10
C VAL A 203 -24.48 -0.60 11.51
N THR A 204 -23.59 0.38 11.68
CA THR A 204 -23.33 0.95 12.99
C THR A 204 -23.75 2.41 13.09
N ASP A 205 -23.72 3.12 11.95
CA ASP A 205 -24.29 4.46 11.85
C ASP A 205 -25.50 4.37 10.94
N PRO A 206 -26.69 4.18 11.54
CA PRO A 206 -27.91 3.90 10.76
C PRO A 206 -28.33 5.04 9.84
N GLU A 207 -27.87 6.26 10.10
CA GLU A 207 -28.15 7.39 9.24
C GLU A 207 -27.42 7.28 7.92
N ARG A 208 -26.17 6.84 7.99
CA ARG A 208 -25.33 6.75 6.79
C ARG A 208 -25.29 5.34 6.20
N GLN A 209 -26.24 4.50 6.60
CA GLN A 209 -26.20 3.06 6.33
C GLN A 209 -24.82 2.33 6.34
N GLU A 210 -24.00 2.70 7.31
CA GLU A 210 -22.59 2.32 7.32
C GLU A 210 -22.22 1.42 8.47
N ALA A 211 -21.22 0.59 8.27
CA ALA A 211 -20.55 -0.11 9.37
C ALA A 211 -19.17 0.53 9.45
N VAL A 212 -18.86 1.14 10.59
CA VAL A 212 -17.51 1.66 10.79
C VAL A 212 -16.82 0.89 11.89
N LEU A 213 -15.61 0.41 11.61
CA LEU A 213 -14.86 -0.37 12.59
C LEU A 213 -13.50 0.25 12.91
N GLU A 214 -13.31 0.54 14.18
CA GLU A 214 -12.05 1.13 14.66
C GLU A 214 -11.04 0.05 14.99
N ASP A 215 -9.80 0.24 14.54
CA ASP A 215 -8.68 -0.65 14.85
C ASP A 215 -9.08 -2.12 14.75
N PRO A 216 -9.54 -2.55 13.57
CA PRO A 216 -10.00 -3.93 13.47
C PRO A 216 -8.90 -4.91 13.10
N TYR A 217 -9.16 -6.19 13.39
CA TYR A 217 -8.37 -7.29 12.88
C TYR A 217 -9.10 -7.87 11.67
N ILE A 218 -8.42 -7.91 10.53
CA ILE A 218 -9.06 -8.25 9.27
C ILE A 218 -8.80 -9.71 8.96
N LEU A 219 -9.84 -10.42 8.56
CA LEU A 219 -9.71 -11.84 8.23
C LEU A 219 -9.95 -12.11 6.75
N LEU A 220 -8.94 -12.62 6.09
CA LEU A 220 -9.03 -13.00 4.69
C LEU A 220 -9.21 -14.51 4.51
N VAL A 221 -10.33 -14.89 3.88
CA VAL A 221 -10.66 -16.29 3.66
C VAL A 221 -11.06 -16.57 2.23
N SER A 222 -10.25 -17.34 1.50
CA SER A 222 -10.56 -17.64 0.11
C SER A 222 -11.60 -18.74 -0.08
N SER A 223 -12.29 -19.14 0.98
CA SER A 223 -13.43 -20.02 0.79
C SER A 223 -14.68 -19.46 1.46
N LYS A 224 -15.82 -20.11 1.28
CA LYS A 224 -17.05 -19.68 1.93
C LYS A 224 -16.94 -19.93 3.43
N VAL A 225 -17.52 -19.05 4.22
CA VAL A 225 -17.62 -19.28 5.65
C VAL A 225 -19.11 -19.41 5.97
N SER A 226 -19.51 -20.50 6.60
CA SER A 226 -20.92 -20.73 6.91
C SER A 226 -20.83 -21.25 8.30
N THR A 227 -20.15 -22.39 8.45
CA THR A 227 -19.97 -23.02 9.76
C THR A 227 -19.63 -22.14 10.93
N VAL A 228 -20.42 -22.29 11.97
CA VAL A 228 -20.13 -21.62 13.22
C VAL A 228 -18.76 -22.06 13.79
N LYS A 229 -18.65 -23.34 14.13
CA LYS A 229 -17.46 -23.88 14.78
C LYS A 229 -16.12 -23.46 14.17
N ASP A 230 -16.05 -23.37 12.85
CA ASP A 230 -14.78 -23.11 12.18
C ASP A 230 -14.07 -21.88 12.71
N LEU A 231 -14.85 -20.88 13.07
CA LEU A 231 -14.31 -19.60 13.48
C LEU A 231 -14.07 -19.48 14.97
N LEU A 232 -14.80 -20.26 15.76
CA LEU A 232 -14.72 -20.14 17.22
C LEU A 232 -13.30 -19.94 17.77
N PRO A 233 -12.32 -20.71 17.29
CA PRO A 233 -10.97 -20.65 17.85
C PRO A 233 -10.26 -19.35 17.49
N LEU A 234 -10.72 -18.73 16.41
CA LEU A 234 -10.17 -17.45 15.99
C LEU A 234 -10.94 -16.30 16.63
N LEU A 235 -12.25 -16.46 16.68
CA LEU A 235 -13.08 -15.43 17.25
C LEU A 235 -12.79 -15.37 18.73
N GLU A 236 -12.67 -16.54 19.35
CA GLU A 236 -12.26 -16.61 20.76
C GLU A 236 -11.10 -15.68 20.99
N LYS A 237 -10.11 -15.75 20.12
CA LYS A 237 -8.89 -14.99 20.32
C LYS A 237 -9.07 -13.51 20.01
N VAL A 238 -10.04 -13.17 19.17
CA VAL A 238 -10.21 -11.76 18.83
C VAL A 238 -11.08 -11.03 19.85
N ILE A 239 -12.08 -11.70 20.39
CA ILE A 239 -12.82 -11.15 21.51
C ILE A 239 -11.83 -10.93 22.67
N GLY A 240 -10.83 -11.83 22.74
CA GLY A 240 -9.77 -11.73 23.73
C GLY A 240 -8.91 -10.48 23.68
N ALA A 241 -9.02 -9.70 22.61
CA ALA A 241 -8.23 -8.49 22.49
C ALA A 241 -9.06 -7.21 22.51
N GLY A 242 -10.39 -7.37 22.55
CA GLY A 242 -11.32 -6.25 22.50
C GLY A 242 -11.30 -5.51 21.17
N LYS A 243 -10.76 -6.16 20.14
CA LYS A 243 -10.67 -5.58 18.80
C LYS A 243 -11.82 -6.09 17.94
N PRO A 244 -12.37 -5.22 17.08
CA PRO A 244 -13.42 -5.71 16.18
C PRO A 244 -12.83 -6.36 14.90
N LEU A 245 -13.63 -7.18 14.23
CA LEU A 245 -13.16 -7.96 13.11
C LEU A 245 -13.93 -7.76 11.80
N LEU A 246 -13.19 -7.50 10.74
CA LEU A 246 -13.74 -7.46 9.41
C LEU A 246 -13.36 -8.75 8.71
N ILE A 247 -14.38 -9.49 8.28
CA ILE A 247 -14.16 -10.75 7.59
C ILE A 247 -14.49 -10.54 6.13
N ILE A 248 -13.54 -10.91 5.28
CA ILE A 248 -13.76 -10.91 3.85
C ILE A 248 -13.55 -12.32 3.32
N ALA A 249 -14.63 -13.02 3.04
CA ALA A 249 -14.57 -14.39 2.55
C ALA A 249 -15.23 -14.49 1.19
N GLU A 250 -15.30 -15.70 0.65
CA GLU A 250 -15.99 -15.92 -0.62
C GLU A 250 -17.42 -15.53 -0.36
N ASP A 251 -17.92 -15.99 0.78
CA ASP A 251 -19.19 -15.62 1.32
C ASP A 251 -19.09 -15.86 2.81
N VAL A 252 -20.06 -15.30 3.54
CA VAL A 252 -20.26 -15.60 4.96
C VAL A 252 -21.76 -15.81 5.17
N GLU A 253 -22.18 -17.07 5.24
CA GLU A 253 -23.58 -17.40 5.18
C GLU A 253 -23.97 -18.34 6.29
N GLY A 254 -25.26 -18.67 6.34
CA GLY A 254 -25.73 -19.66 7.27
C GLY A 254 -25.43 -19.32 8.72
N GLU A 255 -25.32 -20.35 9.54
CA GLU A 255 -25.10 -20.13 10.95
C GLU A 255 -23.92 -19.20 11.21
N ALA A 256 -22.94 -19.18 10.31
CA ALA A 256 -21.80 -18.28 10.43
C ALA A 256 -22.29 -16.84 10.40
N LEU A 257 -23.04 -16.51 9.35
CA LEU A 257 -23.59 -15.17 9.20
C LEU A 257 -24.48 -14.75 10.38
N SER A 258 -25.47 -15.55 10.75
CA SER A 258 -26.37 -15.14 11.84
C SER A 258 -25.60 -14.98 13.17
N THR A 259 -24.67 -15.89 13.42
CA THR A 259 -23.88 -15.79 14.64
C THR A 259 -23.18 -14.43 14.71
N LEU A 260 -22.52 -14.07 13.62
CA LEU A 260 -21.77 -12.82 13.55
C LEU A 260 -22.67 -11.66 13.86
N VAL A 261 -23.87 -11.74 13.31
CA VAL A 261 -24.83 -10.66 13.38
C VAL A 261 -25.41 -10.53 14.77
N VAL A 262 -26.05 -11.60 15.24
CA VAL A 262 -26.54 -11.66 16.61
C VAL A 262 -25.56 -11.01 17.60
N ASN A 263 -24.32 -11.46 17.58
CA ASN A 263 -23.29 -10.94 18.48
C ASN A 263 -23.08 -9.45 18.34
N LYS A 264 -23.30 -8.94 17.14
CA LYS A 264 -23.06 -7.52 16.91
C LYS A 264 -24.19 -6.69 17.51
N ILE A 265 -25.41 -7.22 17.44
CA ILE A 265 -26.54 -6.51 17.97
C ILE A 265 -26.34 -6.46 19.48
N ARG A 266 -26.21 -7.65 20.09
CA ARG A 266 -25.90 -7.76 21.50
C ARG A 266 -24.84 -6.76 21.96
N GLY A 267 -23.63 -6.89 21.45
CA GLY A 267 -22.53 -6.03 21.84
C GLY A 267 -21.34 -6.90 22.18
N THR A 268 -21.65 -8.19 22.26
CA THR A 268 -20.68 -9.23 22.51
C THR A 268 -19.42 -9.00 21.68
N PHE A 269 -19.62 -8.75 20.40
CA PHE A 269 -18.54 -8.81 19.41
C PHE A 269 -18.85 -7.99 18.17
N LYS A 270 -17.99 -7.04 17.88
CA LYS A 270 -18.21 -6.11 16.77
C LYS A 270 -17.58 -6.56 15.45
N SER A 271 -18.38 -7.11 14.53
CA SER A 271 -17.87 -7.44 13.21
C SER A 271 -18.66 -6.89 12.01
N VAL A 272 -18.03 -7.05 10.85
CA VAL A 272 -18.68 -6.89 9.55
C VAL A 272 -18.15 -8.00 8.65
N ALA A 273 -19.05 -8.59 7.86
CA ALA A 273 -18.69 -9.56 6.83
C ALA A 273 -18.89 -9.04 5.38
N VAL A 274 -17.85 -9.16 4.58
CA VAL A 274 -17.94 -8.72 3.19
C VAL A 274 -17.54 -9.83 2.24
N LYS A 275 -18.15 -9.86 1.06
CA LYS A 275 -17.80 -10.82 0.01
C LYS A 275 -16.53 -10.33 -0.67
N ALA A 276 -15.60 -11.23 -0.90
CA ALA A 276 -14.44 -10.88 -1.70
C ALA A 276 -14.84 -10.66 -3.16
N PRO A 277 -14.25 -9.65 -3.78
CA PRO A 277 -14.48 -9.18 -5.15
C PRO A 277 -14.09 -10.20 -6.21
N GLY A 278 -14.67 -10.06 -7.41
CA GLY A 278 -14.28 -10.86 -8.57
C GLY A 278 -14.52 -12.34 -8.43
N PHE A 279 -13.99 -13.13 -9.35
CA PHE A 279 -14.25 -14.57 -9.30
C PHE A 279 -12.98 -15.40 -9.46
N GLY A 280 -13.05 -16.63 -8.97
CA GLY A 280 -12.00 -17.61 -9.17
C GLY A 280 -10.62 -17.09 -8.88
N ASP A 281 -9.70 -17.37 -9.78
CA ASP A 281 -8.31 -16.93 -9.65
C ASP A 281 -8.19 -15.47 -9.32
N ARG A 282 -8.75 -14.65 -10.19
CA ARG A 282 -8.69 -13.21 -10.01
C ARG A 282 -9.22 -12.73 -8.63
N ARG A 283 -10.18 -13.42 -8.02
CA ARG A 283 -10.56 -13.03 -6.65
C ARG A 283 -9.43 -13.38 -5.73
N LYS A 284 -8.93 -14.60 -5.86
CA LYS A 284 -7.88 -15.09 -4.99
C LYS A 284 -6.65 -14.18 -5.01
N ALA A 285 -6.44 -13.48 -6.11
CA ALA A 285 -5.27 -12.61 -6.22
C ALA A 285 -5.50 -11.31 -5.50
N MET A 286 -6.76 -10.89 -5.40
CA MET A 286 -7.04 -9.58 -4.86
C MET A 286 -7.01 -9.75 -3.34
N LEU A 287 -7.37 -10.94 -2.91
CA LEU A 287 -7.37 -11.26 -1.51
C LEU A 287 -5.94 -11.08 -1.02
N GLN A 288 -5.03 -11.69 -1.78
CA GLN A 288 -3.60 -11.65 -1.51
C GLN A 288 -3.16 -10.20 -1.47
N ASP A 289 -3.69 -9.38 -2.36
CA ASP A 289 -3.41 -7.95 -2.31
C ASP A 289 -3.84 -7.33 -0.99
N MET A 290 -5.07 -7.61 -0.57
CA MET A 290 -5.56 -7.15 0.70
C MET A 290 -4.64 -7.65 1.84
N ALA A 291 -4.26 -8.91 1.74
CA ALA A 291 -3.34 -9.52 2.69
C ALA A 291 -2.07 -8.67 2.90
N ILE A 292 -1.41 -8.34 1.80
CA ILE A 292 -0.15 -7.61 1.88
C ILE A 292 -0.35 -6.19 2.40
N LEU A 293 -1.46 -5.59 1.98
CA LEU A 293 -1.71 -4.19 2.29
C LEU A 293 -1.99 -4.09 3.78
N THR A 294 -2.27 -5.23 4.40
CA THR A 294 -2.79 -5.21 5.77
C THR A 294 -1.87 -5.90 6.75
N GLY A 295 -0.95 -6.71 6.24
CA GLY A 295 -0.05 -7.43 7.11
C GLY A 295 -0.60 -8.79 7.42
N GLY A 296 -1.77 -9.11 6.88
CA GLY A 296 -2.36 -10.42 7.07
C GLY A 296 -1.96 -11.42 6.01
N GLN A 297 -2.29 -12.69 6.25
CA GLN A 297 -2.19 -13.70 5.22
C GLN A 297 -3.54 -14.40 4.96
N VAL A 298 -3.92 -14.57 3.68
CA VAL A 298 -5.15 -15.27 3.29
C VAL A 298 -5.18 -16.72 3.78
N ILE A 299 -6.08 -17.02 4.71
CA ILE A 299 -6.39 -18.39 5.09
C ILE A 299 -6.91 -19.16 3.89
N SER A 300 -6.11 -20.08 3.35
CA SER A 300 -6.61 -20.95 2.29
C SER A 300 -6.34 -22.40 2.60
N GLU A 301 -7.11 -23.29 1.98
CA GLU A 301 -7.02 -24.72 2.23
C GLU A 301 -6.22 -25.38 1.12
N GLU A 302 -5.32 -24.59 0.53
CA GLU A 302 -4.50 -25.05 -0.60
C GLU A 302 -3.02 -24.65 -0.43
N VAL A 303 -2.79 -23.57 0.31
CA VAL A 303 -1.42 -23.11 0.56
C VAL A 303 -1.20 -22.97 2.07
N GLY A 304 -1.84 -21.96 2.66
CA GLY A 304 -1.80 -21.75 4.09
C GLY A 304 -2.75 -22.75 4.73
N LEU A 305 -2.90 -22.63 6.05
CA LEU A 305 -3.51 -23.67 6.85
C LEU A 305 -5.01 -23.50 7.13
N THR A 306 -5.51 -24.40 7.96
CA THR A 306 -6.92 -24.44 8.33
C THR A 306 -7.28 -23.22 9.19
N LEU A 307 -8.55 -23.11 9.55
CA LEU A 307 -9.02 -22.01 10.39
C LEU A 307 -8.92 -22.42 11.85
N GLU A 308 -8.60 -23.70 12.06
CA GLU A 308 -8.32 -24.23 13.38
C GLU A 308 -6.85 -24.00 13.72
N ASN A 309 -6.62 -23.51 14.94
CA ASN A 309 -5.27 -23.26 15.46
C ASN A 309 -4.56 -22.05 14.81
N ALA A 310 -5.34 -21.19 14.15
CA ALA A 310 -4.82 -19.96 13.56
C ALA A 310 -4.33 -18.97 14.62
N ASP A 311 -3.41 -18.09 14.25
CA ASP A 311 -2.83 -17.12 15.16
C ASP A 311 -3.23 -15.68 14.77
N LEU A 312 -3.29 -14.77 15.73
CA LEU A 312 -3.69 -13.40 15.43
C LEU A 312 -2.70 -12.72 14.50
N SER A 313 -1.56 -13.36 14.27
CA SER A 313 -0.53 -12.83 13.37
C SER A 313 -0.97 -13.00 11.94
N LEU A 314 -1.84 -14.00 11.73
CA LEU A 314 -2.44 -14.26 10.43
C LEU A 314 -3.36 -13.13 10.01
N LEU A 315 -4.18 -12.65 10.93
CA LEU A 315 -5.04 -11.51 10.71
C LEU A 315 -4.22 -10.28 10.32
N GLY A 316 -4.80 -9.44 9.47
CA GLY A 316 -4.21 -8.17 9.13
C GLY A 316 -4.93 -7.13 9.98
N LYS A 317 -4.56 -5.86 9.83
CA LYS A 317 -5.15 -4.84 10.69
C LYS A 317 -5.09 -3.49 10.00
N ALA A 318 -5.92 -2.55 10.45
CA ALA A 318 -5.90 -1.20 9.92
C ALA A 318 -6.50 -0.21 10.89
N ARG A 319 -6.26 1.08 10.69
CA ARG A 319 -6.78 2.06 11.64
C ARG A 319 -8.29 2.05 11.63
N LYS A 320 -8.86 1.78 10.45
CA LYS A 320 -10.29 1.90 10.29
C LYS A 320 -10.79 1.29 8.99
N VAL A 321 -11.96 0.69 9.08
CA VAL A 321 -12.67 0.08 7.96
C VAL A 321 -14.06 0.69 7.85
N VAL A 322 -14.35 1.26 6.69
CA VAL A 322 -15.70 1.70 6.38
C VAL A 322 -16.35 0.77 5.34
N VAL A 323 -17.48 0.20 5.73
CA VAL A 323 -18.28 -0.63 4.85
C VAL A 323 -19.67 -0.03 4.64
N THR A 324 -19.96 0.35 3.40
CA THR A 324 -21.28 0.80 3.02
C THR A 324 -22.07 -0.30 2.32
N LYS A 325 -23.23 0.05 1.79
CA LYS A 325 -24.02 -0.93 1.07
C LYS A 325 -23.26 -1.48 -0.13
N ASP A 326 -22.44 -0.62 -0.72
CA ASP A 326 -21.73 -0.88 -1.97
C ASP A 326 -20.23 -1.15 -1.87
N GLU A 327 -19.60 -0.68 -0.81
CA GLU A 327 -18.15 -0.66 -0.85
C GLU A 327 -17.47 -0.88 0.49
N THR A 328 -16.20 -1.24 0.40
CA THR A 328 -15.36 -1.41 1.58
C THR A 328 -14.05 -0.64 1.52
N THR A 329 -13.88 0.33 2.41
CA THR A 329 -12.61 1.01 2.46
C THR A 329 -11.78 0.52 3.63
N ILE A 330 -10.52 0.26 3.37
CA ILE A 330 -9.55 -0.10 4.40
C ILE A 330 -8.63 1.09 4.53
N VAL A 331 -8.68 1.76 5.68
CA VAL A 331 -7.83 2.93 5.88
C VAL A 331 -6.63 2.54 6.74
N GLU A 332 -5.45 2.96 6.31
CA GLU A 332 -4.21 2.64 7.02
C GLU A 332 -3.76 1.20 7.24
N GLY A 333 -3.67 0.43 6.16
CA GLY A 333 -3.38 -0.98 6.28
C GLY A 333 -2.15 -1.09 7.15
N ALA A 334 -2.04 -2.16 7.91
CA ALA A 334 -0.88 -2.31 8.79
C ALA A 334 0.30 -3.03 8.18
N GLY A 335 0.42 -2.94 6.87
CA GLY A 335 1.39 -3.73 6.15
C GLY A 335 2.72 -3.03 6.04
N ASP A 336 3.77 -3.83 5.88
CA ASP A 336 5.13 -3.33 5.67
C ASP A 336 5.19 -2.56 4.35
N THR A 337 5.33 -1.24 4.44
CA THR A 337 5.39 -0.36 3.28
C THR A 337 6.23 -0.87 2.13
N ASP A 338 7.27 -1.64 2.44
CA ASP A 338 8.10 -2.23 1.40
C ASP A 338 7.58 -3.56 0.86
N ALA A 339 6.90 -4.32 1.72
CA ALA A 339 6.19 -5.51 1.29
C ALA A 339 5.17 -5.11 0.21
N ILE A 340 4.41 -4.05 0.51
CA ILE A 340 3.51 -3.44 -0.44
C ILE A 340 4.08 -3.00 -1.79
N ALA A 341 5.08 -2.11 -1.73
CA ALA A 341 5.94 -1.75 -2.86
C ALA A 341 6.42 -2.95 -3.70
N GLY A 342 6.89 -4.00 -3.02
CA GLY A 342 7.35 -5.19 -3.67
C GLY A 342 6.28 -5.84 -4.52
N ARG A 343 5.09 -6.01 -3.94
CA ARG A 343 3.94 -6.58 -4.63
C ARG A 343 3.52 -5.77 -5.87
N VAL A 344 3.38 -4.47 -5.69
CA VAL A 344 3.10 -3.54 -6.77
C VAL A 344 4.09 -3.76 -7.89
N ALA A 345 5.33 -4.06 -7.52
CA ALA A 345 6.34 -4.44 -8.48
C ALA A 345 5.87 -5.70 -9.20
N GLN A 346 5.65 -6.76 -8.43
CA GLN A 346 5.20 -8.03 -8.98
C GLN A 346 4.10 -7.86 -10.02
N ILE A 347 3.24 -6.87 -9.80
CA ILE A 347 2.13 -6.62 -10.70
C ILE A 347 2.54 -5.91 -12.01
N ARG A 348 3.34 -4.86 -11.89
CA ARG A 348 3.88 -4.17 -13.04
C ARG A 348 4.57 -5.16 -13.99
N GLN A 349 5.24 -6.16 -13.40
CA GLN A 349 5.82 -7.22 -14.20
C GLN A 349 4.73 -7.98 -14.92
N GLU A 350 3.80 -8.55 -14.16
CA GLU A 350 2.67 -9.28 -14.75
C GLU A 350 2.02 -8.54 -15.92
N ILE A 351 1.78 -7.25 -15.73
CA ILE A 351 1.29 -6.38 -16.77
C ILE A 351 2.12 -6.45 -18.06
N GLU A 352 3.43 -6.32 -17.92
CA GLU A 352 4.32 -6.37 -19.09
C GLU A 352 4.36 -7.77 -19.75
N ASN A 353 4.41 -8.82 -18.94
CA ASN A 353 4.37 -10.18 -19.47
C ASN A 353 2.97 -10.60 -19.94
N SER A 354 1.99 -9.71 -19.86
CA SER A 354 0.59 -10.10 -20.11
C SER A 354 0.27 -10.32 -21.59
N ASP A 355 -0.35 -11.46 -21.91
CA ASP A 355 -0.69 -11.79 -23.29
C ASP A 355 -2.02 -11.24 -23.76
N SER A 356 -2.73 -10.55 -22.87
CA SER A 356 -4.11 -10.17 -23.13
C SER A 356 -4.40 -8.74 -22.71
N ASP A 357 -5.07 -8.00 -23.59
CA ASP A 357 -5.37 -6.60 -23.33
C ASP A 357 -6.42 -6.48 -22.22
N TYR A 358 -7.07 -7.60 -21.95
CA TYR A 358 -8.11 -7.69 -20.93
C TYR A 358 -7.44 -8.02 -19.60
N ASP A 359 -6.81 -9.18 -19.54
CA ASP A 359 -5.97 -9.52 -18.40
C ASP A 359 -5.17 -8.28 -17.97
N ARG A 360 -4.91 -7.38 -18.92
CA ARG A 360 -4.10 -6.20 -18.63
C ARG A 360 -4.77 -5.06 -17.87
N GLU A 361 -6.01 -4.76 -18.24
CA GLU A 361 -6.72 -3.65 -17.62
C GLU A 361 -7.08 -3.98 -16.18
N LYS A 362 -7.36 -5.26 -15.93
CA LYS A 362 -7.63 -5.77 -14.60
C LYS A 362 -6.41 -5.57 -13.70
N LEU A 363 -5.25 -6.02 -14.18
CA LEU A 363 -4.04 -6.00 -13.38
C LEU A 363 -3.70 -4.58 -12.97
N GLN A 364 -3.95 -3.65 -13.86
CA GLN A 364 -3.51 -2.29 -13.67
C GLN A 364 -4.42 -1.53 -12.72
N GLU A 365 -5.65 -2.01 -12.52
CA GLU A 365 -6.51 -1.38 -11.54
C GLU A 365 -6.22 -1.98 -10.17
N ARG A 366 -5.92 -3.26 -10.14
CA ARG A 366 -5.39 -3.89 -8.94
C ARG A 366 -4.20 -3.07 -8.44
N LEU A 367 -3.27 -2.80 -9.37
CA LEU A 367 -2.10 -2.00 -9.05
C LEU A 367 -2.45 -0.58 -8.57
N ALA A 368 -3.38 0.07 -9.27
CA ALA A 368 -3.76 1.42 -8.86
C ALA A 368 -4.38 1.45 -7.46
N LYS A 369 -4.89 0.32 -7.01
CA LYS A 369 -5.46 0.28 -5.68
C LYS A 369 -4.38 0.26 -4.59
N LEU A 370 -3.39 -0.61 -4.76
CA LEU A 370 -2.32 -0.76 -3.77
C LEU A 370 -1.48 0.50 -3.62
N ALA A 371 -0.92 0.93 -4.75
CA ALA A 371 0.04 2.02 -4.80
C ALA A 371 -0.61 3.37 -4.50
N GLY A 372 -1.92 3.43 -4.71
CA GLY A 372 -2.62 4.69 -4.56
C GLY A 372 -2.74 5.13 -3.12
N GLY A 373 -3.03 4.19 -2.24
CA GLY A 373 -3.35 4.56 -0.86
C GLY A 373 -4.63 5.38 -0.81
N VAL A 374 -4.83 6.09 0.30
CA VAL A 374 -6.11 6.69 0.62
C VAL A 374 -6.02 8.06 1.30
N ALA A 375 -6.53 9.09 0.65
CA ALA A 375 -6.49 10.42 1.23
C ALA A 375 -7.54 10.54 2.29
N VAL A 376 -7.15 10.98 3.47
CA VAL A 376 -8.10 11.22 4.53
C VAL A 376 -8.26 12.72 4.74
N ILE A 377 -9.48 13.12 5.02
CA ILE A 377 -9.76 14.51 5.30
C ILE A 377 -10.48 14.54 6.63
N LYS A 378 -9.91 15.25 7.61
CA LYS A 378 -10.54 15.32 8.91
C LYS A 378 -11.22 16.67 9.10
N ALA A 379 -12.41 16.63 9.68
CA ALA A 379 -13.32 17.78 9.69
C ALA A 379 -13.17 18.64 10.94
N GLY A 380 -12.60 19.83 10.77
CA GLY A 380 -12.41 20.73 11.88
C GLY A 380 -13.73 20.71 12.63
N ALA A 381 -13.64 20.27 13.87
CA ALA A 381 -14.79 20.06 14.71
C ALA A 381 -14.63 20.90 15.93
N ALA A 382 -15.75 21.22 16.56
CA ALA A 382 -15.76 22.20 17.60
C ALA A 382 -16.94 23.07 17.24
N THR A 383 -18.12 22.55 17.55
CA THR A 383 -18.19 21.28 18.24
C THR A 383 -19.62 20.82 18.30
N GLU A 384 -20.02 20.02 17.35
CA GLU A 384 -21.41 19.59 17.49
C GLU A 384 -21.93 18.94 16.22
N VAL A 385 -23.25 18.89 16.07
CA VAL A 385 -23.87 18.32 14.88
C VAL A 385 -23.32 18.92 13.59
N GLU A 386 -22.55 20.00 13.72
CA GLU A 386 -21.96 20.66 12.57
C GLU A 386 -20.91 19.74 11.96
N LEU A 387 -20.30 18.91 12.79
CA LEU A 387 -19.28 17.98 12.33
C LEU A 387 -19.83 16.93 11.36
N LYS A 388 -21.12 16.59 11.53
CA LYS A 388 -21.83 15.70 10.61
C LYS A 388 -22.13 16.41 9.30
N GLU A 389 -22.96 17.45 9.36
CA GLU A 389 -23.22 18.26 8.18
C GLU A 389 -21.91 18.54 7.48
N ARG A 390 -20.93 19.03 8.24
CA ARG A 390 -19.68 19.48 7.65
C ARG A 390 -19.01 18.35 6.89
N LYS A 391 -19.18 17.13 7.39
CA LYS A 391 -18.62 15.95 6.75
C LYS A 391 -19.34 15.69 5.45
N HIS A 392 -20.66 15.53 5.55
CA HIS A 392 -21.45 15.23 4.37
C HIS A 392 -21.26 16.27 3.24
N ARG A 393 -20.83 17.49 3.59
CA ARG A 393 -20.55 18.52 2.58
C ARG A 393 -19.20 18.33 1.91
N ILE A 394 -18.17 18.06 2.72
CA ILE A 394 -16.85 17.82 2.18
C ILE A 394 -16.93 16.66 1.22
N GLU A 395 -17.66 15.63 1.64
CA GLU A 395 -17.89 14.47 0.80
C GLU A 395 -18.52 14.82 -0.54
N ASP A 396 -19.54 15.67 -0.51
CA ASP A 396 -20.24 16.08 -1.72
C ASP A 396 -19.30 16.88 -2.62
N ALA A 397 -18.58 17.81 -2.02
CA ALA A 397 -17.59 18.57 -2.78
C ALA A 397 -16.55 17.68 -3.44
N VAL A 398 -16.36 16.46 -2.93
CA VAL A 398 -15.39 15.52 -3.51
C VAL A 398 -15.95 14.72 -4.67
N ARG A 399 -17.09 14.07 -4.48
CA ARG A 399 -17.70 13.33 -5.59
C ARG A 399 -18.07 14.31 -6.68
N ASN A 400 -18.09 15.57 -6.31
CA ASN A 400 -18.53 16.63 -7.19
C ASN A 400 -17.44 17.26 -7.99
N ALA A 401 -16.21 17.14 -7.50
CA ALA A 401 -15.04 17.55 -8.25
C ALA A 401 -14.58 16.36 -9.11
N LYS A 402 -14.57 15.17 -8.53
CA LYS A 402 -14.30 13.96 -9.29
C LYS A 402 -15.19 13.97 -10.54
N ALA A 403 -16.41 14.50 -10.38
CA ALA A 403 -17.42 14.53 -11.44
C ALA A 403 -17.19 15.61 -12.50
N ALA A 404 -16.83 16.82 -12.05
CA ALA A 404 -16.45 17.88 -12.99
C ALA A 404 -15.36 17.37 -13.95
N VAL A 405 -14.18 17.10 -13.43
CA VAL A 405 -13.08 16.52 -14.19
C VAL A 405 -13.53 15.54 -15.25
N GLU A 406 -14.45 14.66 -14.87
CA GLU A 406 -14.80 13.51 -15.68
C GLU A 406 -15.63 13.87 -16.95
N GLU A 407 -16.31 15.01 -16.92
CA GLU A 407 -17.25 15.38 -17.99
C GLU A 407 -17.28 16.88 -18.23
N GLY A 408 -16.72 17.66 -17.32
CA GLY A 408 -16.65 19.10 -17.51
C GLY A 408 -17.68 19.89 -16.71
N ILE A 409 -17.68 21.19 -16.91
CA ILE A 409 -18.63 22.08 -16.22
C ILE A 409 -19.50 22.87 -17.21
N VAL A 410 -20.55 23.51 -16.70
CA VAL A 410 -21.46 24.30 -17.54
C VAL A 410 -22.06 25.48 -16.79
N ALA A 411 -22.74 26.33 -17.54
CA ALA A 411 -23.45 27.48 -16.97
C ALA A 411 -24.31 27.06 -15.78
N GLY A 412 -23.91 27.50 -14.58
CA GLY A 412 -24.67 27.21 -13.37
C GLY A 412 -25.82 28.20 -13.39
N GLY A 413 -26.59 28.22 -12.31
CA GLY A 413 -27.89 28.86 -12.29
C GLY A 413 -28.86 27.85 -12.87
N GLY A 414 -29.95 28.33 -13.45
CA GLY A 414 -30.86 27.46 -14.18
C GLY A 414 -30.65 27.64 -15.66
N VAL A 415 -29.44 28.09 -15.99
CA VAL A 415 -29.14 28.58 -17.33
C VAL A 415 -28.73 27.63 -18.44
N THR A 416 -27.66 26.88 -18.21
CA THR A 416 -27.19 25.97 -19.25
C THR A 416 -28.32 25.08 -19.74
N LEU A 417 -29.29 24.81 -18.86
CA LEU A 417 -30.44 24.00 -19.23
C LEU A 417 -31.38 24.72 -20.18
N LEU A 418 -31.76 25.95 -19.84
CA LEU A 418 -32.55 26.80 -20.72
C LEU A 418 -31.99 26.85 -22.13
N GLN A 419 -30.81 27.44 -22.25
CA GLN A 419 -30.21 27.69 -23.54
C GLN A 419 -30.12 26.39 -24.32
N ALA A 420 -30.37 25.28 -23.66
CA ALA A 420 -30.27 23.98 -24.34
C ALA A 420 -31.46 23.71 -25.28
N ALA A 421 -32.65 24.19 -24.91
CA ALA A 421 -33.90 23.93 -25.65
C ALA A 421 -33.83 24.17 -27.17
N PRO A 422 -33.21 25.30 -27.56
CA PRO A 422 -32.91 25.60 -28.97
C PRO A 422 -32.21 24.45 -29.69
N THR A 423 -31.86 23.39 -28.98
CA THR A 423 -31.17 22.27 -29.60
C THR A 423 -32.17 21.16 -29.90
N LEU A 424 -33.44 21.40 -29.57
CA LEU A 424 -34.44 20.36 -29.73
C LEU A 424 -35.01 20.34 -31.15
N ASP A 425 -35.13 21.52 -31.75
CA ASP A 425 -35.72 21.71 -33.07
C ASP A 425 -35.09 20.83 -34.15
N GLU A 426 -33.83 20.43 -33.93
CA GLU A 426 -33.12 19.60 -34.90
C GLU A 426 -33.60 18.13 -34.94
N LEU A 427 -34.79 17.88 -34.39
CA LEU A 427 -35.36 16.54 -34.33
C LEU A 427 -36.57 16.36 -35.24
N LYS A 428 -37.12 15.15 -35.25
CA LYS A 428 -38.29 14.83 -36.08
C LYS A 428 -39.62 15.09 -35.37
N LEU A 429 -39.99 16.36 -35.34
CA LEU A 429 -41.13 16.86 -34.58
C LEU A 429 -42.36 16.29 -35.33
N GLU A 430 -42.80 15.10 -34.93
CA GLU A 430 -43.93 14.44 -35.58
C GLU A 430 -44.97 13.97 -34.50
N GLY A 431 -46.25 14.17 -34.79
CA GLY A 431 -47.33 13.68 -33.92
C GLY A 431 -47.27 14.03 -32.44
N ASP A 432 -47.38 13.01 -31.60
CA ASP A 432 -47.39 13.18 -30.15
C ASP A 432 -45.97 13.31 -29.58
N GLU A 433 -45.09 12.44 -30.04
CA GLU A 433 -43.69 12.52 -29.69
C GLU A 433 -43.16 13.90 -29.97
N ALA A 434 -43.79 14.57 -30.93
CA ALA A 434 -43.46 15.96 -31.23
C ALA A 434 -43.75 16.81 -30.01
N THR A 435 -44.85 16.48 -29.35
CA THR A 435 -45.32 17.28 -28.24
C THR A 435 -44.56 16.90 -26.97
N GLY A 436 -44.32 15.60 -26.78
CA GLY A 436 -43.52 15.10 -25.66
C GLY A 436 -42.21 15.87 -25.52
N ALA A 437 -41.51 16.00 -26.62
CA ALA A 437 -40.34 16.84 -26.71
C ALA A 437 -40.63 18.32 -26.40
N ASN A 438 -41.79 18.80 -26.84
CA ASN A 438 -42.21 20.18 -26.58
C ASN A 438 -42.40 20.43 -25.10
N ILE A 439 -42.67 19.35 -24.38
CA ILE A 439 -42.82 19.42 -22.94
C ILE A 439 -41.46 19.66 -22.30
N VAL A 440 -40.47 18.94 -22.82
CA VAL A 440 -39.11 19.08 -22.36
C VAL A 440 -38.59 20.50 -22.53
N LYS A 441 -38.74 21.05 -23.73
CA LYS A 441 -38.27 22.40 -24.00
C LYS A 441 -38.91 23.36 -22.99
N VAL A 442 -40.03 22.93 -22.40
CA VAL A 442 -40.75 23.76 -21.43
C VAL A 442 -40.10 23.66 -20.08
N ALA A 443 -39.94 22.42 -19.62
CA ALA A 443 -39.38 22.15 -18.29
C ALA A 443 -37.97 22.70 -18.15
N LEU A 444 -37.22 22.75 -19.25
CA LEU A 444 -35.87 23.32 -19.20
C LEU A 444 -35.85 24.71 -18.56
N GLU A 445 -36.99 25.41 -18.65
CA GLU A 445 -37.13 26.74 -18.05
C GLU A 445 -37.31 26.62 -16.54
N ALA A 446 -37.94 25.52 -16.12
CA ALA A 446 -38.26 25.29 -14.71
C ALA A 446 -37.12 25.59 -13.76
N PRO A 447 -35.92 25.02 -14.01
CA PRO A 447 -34.80 25.23 -13.10
C PRO A 447 -34.67 26.71 -12.73
N LEU A 448 -34.35 27.53 -13.73
CA LEU A 448 -34.18 28.96 -13.48
C LEU A 448 -35.46 29.57 -12.90
N LYS A 449 -36.60 29.17 -13.44
CA LYS A 449 -37.89 29.67 -12.94
C LYS A 449 -37.90 29.77 -11.42
N GLN A 450 -37.78 28.61 -10.77
CA GLN A 450 -37.77 28.55 -9.31
C GLN A 450 -36.87 29.58 -8.66
N ILE A 451 -35.63 29.69 -9.14
CA ILE A 451 -34.67 30.63 -8.57
C ILE A 451 -35.18 32.07 -8.62
N ALA A 452 -35.65 32.51 -9.79
CA ALA A 452 -36.24 33.83 -9.90
C ALA A 452 -37.35 33.99 -8.86
N PHE A 453 -38.06 32.91 -8.59
CA PHE A 453 -39.17 32.90 -7.64
C PHE A 453 -38.71 33.13 -6.18
N ASN A 454 -37.41 33.00 -5.93
CA ASN A 454 -36.88 33.13 -4.58
C ASN A 454 -36.52 34.55 -4.21
N SER A 455 -35.59 35.14 -4.96
CA SER A 455 -35.24 36.54 -4.78
C SER A 455 -36.45 37.40 -5.12
N GLY A 456 -37.57 36.74 -5.39
CA GLY A 456 -38.82 37.42 -5.70
C GLY A 456 -39.01 38.18 -7.00
N LEU A 457 -38.58 37.58 -8.10
CA LEU A 457 -38.74 38.19 -9.41
C LEU A 457 -39.92 37.72 -10.24
N GLU A 458 -40.00 38.18 -11.48
CA GLU A 458 -41.05 37.75 -12.39
C GLU A 458 -40.54 36.59 -13.24
N PRO A 459 -40.92 35.35 -12.86
CA PRO A 459 -40.48 34.15 -13.57
C PRO A 459 -40.34 34.42 -15.06
N GLY A 460 -41.46 34.67 -15.74
CA GLY A 460 -41.46 34.90 -17.18
C GLY A 460 -40.48 35.97 -17.67
N VAL A 461 -40.27 37.00 -16.87
CA VAL A 461 -39.38 38.10 -17.26
C VAL A 461 -37.93 37.70 -17.16
N VAL A 462 -37.52 37.40 -15.93
CA VAL A 462 -36.20 36.87 -15.68
C VAL A 462 -35.96 35.77 -16.69
N ALA A 463 -36.93 34.86 -16.80
CA ALA A 463 -36.83 33.70 -17.69
C ALA A 463 -36.64 34.08 -19.16
N GLU A 464 -37.40 35.06 -19.62
CA GLU A 464 -37.28 35.48 -21.01
C GLU A 464 -35.94 36.13 -21.26
N LYS A 465 -35.60 37.12 -20.44
CA LYS A 465 -34.34 37.84 -20.57
C LYS A 465 -33.18 36.85 -20.62
N VAL A 466 -33.08 36.01 -19.60
CA VAL A 466 -32.03 34.99 -19.55
C VAL A 466 -32.09 34.07 -20.77
N ARG A 467 -33.30 33.71 -21.18
CA ARG A 467 -33.50 32.82 -22.32
C ARG A 467 -32.76 33.36 -23.53
N ASN A 468 -32.52 34.65 -23.51
CA ASN A 468 -31.95 35.33 -24.66
C ASN A 468 -30.47 35.67 -24.52
N LEU A 469 -30.06 36.09 -23.32
CA LEU A 469 -28.66 36.45 -23.07
C LEU A 469 -27.58 35.52 -23.64
N PRO A 470 -26.56 36.09 -24.29
CA PRO A 470 -25.62 35.34 -25.14
C PRO A 470 -25.16 34.06 -24.47
N ALA A 471 -25.03 32.98 -25.25
CA ALA A 471 -24.68 31.68 -24.71
C ALA A 471 -23.63 31.76 -23.62
N GLY A 472 -24.02 31.47 -22.38
CA GLY A 472 -23.09 31.47 -21.27
C GLY A 472 -23.25 32.53 -20.20
N HIS A 473 -24.34 33.28 -20.26
CA HIS A 473 -24.60 34.30 -19.25
C HIS A 473 -25.98 34.11 -18.64
N GLY A 474 -26.17 34.65 -17.43
CA GLY A 474 -27.44 34.51 -16.73
C GLY A 474 -27.38 35.18 -15.37
N LEU A 475 -28.51 35.20 -14.68
CA LEU A 475 -28.64 35.94 -13.44
C LEU A 475 -28.05 35.21 -12.24
N ASN A 476 -27.75 35.97 -11.19
CA ASN A 476 -27.22 35.40 -9.96
C ASN A 476 -28.21 35.53 -8.80
N ALA A 477 -27.84 35.07 -7.61
CA ALA A 477 -28.74 35.08 -6.45
C ALA A 477 -28.33 36.14 -5.43
N GLN A 478 -27.05 36.12 -5.09
CA GLN A 478 -26.48 37.15 -4.25
C GLN A 478 -26.18 38.36 -5.12
N THR A 479 -25.95 38.10 -6.41
CA THR A 479 -25.43 39.13 -7.31
C THR A 479 -26.50 39.96 -8.01
N GLY A 480 -27.65 39.36 -8.31
CA GLY A 480 -28.67 40.06 -9.08
C GLY A 480 -28.13 40.65 -10.36
N VAL A 481 -27.08 40.03 -10.90
CA VAL A 481 -26.45 40.51 -12.12
C VAL A 481 -26.50 39.49 -13.26
N TYR A 482 -27.16 39.88 -14.34
CA TYR A 482 -27.18 39.11 -15.57
C TYR A 482 -25.78 39.18 -16.19
N GLU A 483 -24.78 38.62 -15.51
CA GLU A 483 -23.41 38.64 -16.01
C GLU A 483 -22.90 37.22 -16.23
N ASP A 484 -21.68 37.08 -16.76
CA ASP A 484 -21.14 35.75 -16.99
C ASP A 484 -21.25 35.02 -15.66
N LEU A 485 -21.88 33.85 -15.66
CA LEU A 485 -22.09 33.13 -14.40
C LEU A 485 -21.06 32.03 -14.15
N LEU A 486 -20.42 31.55 -15.21
CA LEU A 486 -19.30 30.63 -15.03
C LEU A 486 -18.21 31.41 -14.30
N ALA A 487 -17.76 32.49 -14.93
CA ALA A 487 -16.79 33.38 -14.32
C ALA A 487 -17.22 33.79 -12.92
N ALA A 488 -18.40 34.41 -12.83
CA ALA A 488 -18.96 34.87 -11.56
C ALA A 488 -18.96 33.77 -10.51
N GLY A 489 -18.52 32.58 -10.92
CA GLY A 489 -18.19 31.50 -10.02
C GLY A 489 -19.32 30.54 -9.74
N VAL A 490 -20.47 30.72 -10.40
CA VAL A 490 -21.63 29.84 -10.16
C VAL A 490 -21.83 28.82 -11.29
N ALA A 491 -21.53 27.55 -11.01
CA ALA A 491 -21.59 26.48 -12.03
C ALA A 491 -21.91 25.06 -11.51
N ASP A 492 -22.15 24.14 -12.44
CA ASP A 492 -22.50 22.75 -12.13
C ASP A 492 -21.62 21.76 -12.87
N PRO A 493 -21.32 20.61 -12.25
CA PRO A 493 -20.71 19.58 -13.09
C PRO A 493 -21.74 19.19 -14.11
N VAL A 494 -21.32 19.07 -15.37
CA VAL A 494 -22.19 18.62 -16.45
C VAL A 494 -22.95 17.41 -15.97
N LYS A 495 -22.20 16.37 -15.64
CA LYS A 495 -22.73 15.12 -15.12
C LYS A 495 -23.95 15.34 -14.22
N VAL A 496 -23.82 16.29 -13.29
CA VAL A 496 -24.87 16.55 -12.33
C VAL A 496 -26.11 17.00 -13.07
N THR A 497 -25.96 18.08 -13.82
CA THR A 497 -27.00 18.62 -14.66
C THR A 497 -27.55 17.57 -15.65
N ARG A 498 -26.67 16.74 -16.19
CA ARG A 498 -27.11 15.70 -17.09
C ARG A 498 -27.92 14.63 -16.36
N SER A 499 -27.61 14.42 -15.10
CA SER A 499 -28.25 13.38 -14.32
C SER A 499 -29.64 13.84 -13.91
N ALA A 500 -29.73 15.12 -13.54
CA ALA A 500 -30.98 15.65 -13.04
C ALA A 500 -32.06 15.49 -14.11
N LEU A 501 -31.78 16.01 -15.30
CA LEU A 501 -32.70 15.86 -16.41
C LEU A 501 -33.01 14.38 -16.65
N GLN A 502 -31.98 13.55 -16.76
CA GLN A 502 -32.22 12.14 -17.05
C GLN A 502 -33.14 11.49 -16.03
N ASN A 503 -33.00 11.88 -14.77
CA ASN A 503 -33.83 11.35 -13.70
C ASN A 503 -35.27 11.82 -13.82
N ALA A 504 -35.47 13.12 -13.93
CA ALA A 504 -36.79 13.69 -14.07
C ALA A 504 -37.55 12.91 -15.12
N ALA A 505 -37.03 12.92 -16.34
CA ALA A 505 -37.64 12.21 -17.44
C ALA A 505 -38.05 10.81 -17.02
N SER A 506 -37.36 10.23 -16.06
CA SER A 506 -37.59 8.84 -15.71
C SER A 506 -38.76 8.77 -14.74
N ILE A 507 -38.85 9.80 -13.90
CA ILE A 507 -40.02 10.05 -13.10
C ILE A 507 -41.22 10.30 -14.01
N ALA A 508 -41.19 11.41 -14.74
CA ALA A 508 -42.23 11.69 -15.72
C ALA A 508 -42.63 10.39 -16.42
N GLY A 509 -41.64 9.59 -16.79
CA GLY A 509 -41.87 8.29 -17.41
C GLY A 509 -42.95 7.45 -16.75
N LEU A 510 -43.05 7.57 -15.44
CA LEU A 510 -44.04 6.81 -14.68
C LEU A 510 -45.45 7.39 -14.77
N PHE A 511 -45.59 8.62 -14.29
CA PHE A 511 -46.86 9.34 -14.30
C PHE A 511 -47.64 9.25 -15.60
N LEU A 512 -46.96 8.99 -16.70
CA LEU A 512 -47.63 8.87 -17.98
C LEU A 512 -48.19 7.48 -18.18
N THR A 513 -47.33 6.47 -18.10
CA THR A 513 -47.78 5.11 -18.32
C THR A 513 -48.76 4.63 -17.24
N THR A 514 -48.50 5.04 -15.98
CA THR A 514 -49.18 4.49 -14.79
C THR A 514 -50.05 5.48 -13.97
N GLU A 515 -50.94 4.93 -13.14
CA GLU A 515 -51.85 5.71 -12.28
C GLU A 515 -51.75 5.37 -10.79
N LEU B 61 28.91 -42.53 -13.67
CA LEU B 61 27.81 -42.72 -14.60
C LEU B 61 26.62 -41.89 -14.17
N GLU B 62 26.50 -40.66 -14.70
CA GLU B 62 25.38 -39.80 -14.38
C GLU B 62 24.45 -39.64 -15.59
N ASP B 63 23.16 -39.86 -15.39
CA ASP B 63 22.21 -39.79 -16.49
C ASP B 63 22.18 -38.43 -17.19
N PRO B 64 22.37 -38.44 -18.51
CA PRO B 64 22.39 -37.19 -19.27
C PRO B 64 21.21 -36.29 -18.94
N TYR B 65 20.02 -36.86 -18.79
CA TYR B 65 18.83 -36.03 -18.63
C TYR B 65 18.84 -35.37 -17.27
N GLU B 66 19.30 -36.09 -16.26
CA GLU B 66 19.47 -35.51 -14.94
C GLU B 66 20.56 -34.44 -14.90
N LYS B 67 21.61 -34.63 -15.70
CA LYS B 67 22.70 -33.67 -15.69
C LYS B 67 22.22 -32.33 -16.23
N ILE B 68 21.44 -32.38 -17.30
CA ILE B 68 20.93 -31.16 -17.92
C ILE B 68 19.98 -30.42 -16.96
N GLY B 69 19.31 -31.17 -16.09
CA GLY B 69 18.46 -30.59 -15.06
C GLY B 69 19.34 -30.00 -13.97
N ALA B 70 20.29 -30.81 -13.51
CA ALA B 70 21.26 -30.35 -12.52
C ALA B 70 21.73 -28.95 -12.84
N GLU B 71 22.20 -28.76 -14.06
CA GLU B 71 22.77 -27.47 -14.43
C GLU B 71 21.71 -26.38 -14.53
N LEU B 72 20.47 -26.76 -14.77
CA LEU B 72 19.43 -25.76 -14.88
C LEU B 72 19.01 -25.29 -13.48
N VAL B 73 19.15 -26.19 -12.52
CA VAL B 73 18.87 -25.87 -11.13
C VAL B 73 20.02 -25.06 -10.52
N LYS B 74 21.24 -25.38 -10.91
CA LYS B 74 22.41 -24.64 -10.41
C LYS B 74 22.37 -23.19 -10.91
N GLU B 75 22.18 -23.04 -12.22
CA GLU B 75 22.23 -21.72 -12.86
C GLU B 75 21.12 -20.84 -12.32
N VAL B 76 20.19 -21.45 -11.61
CA VAL B 76 19.09 -20.74 -10.96
C VAL B 76 19.48 -20.40 -9.52
N ALA B 77 19.89 -21.42 -8.79
CA ALA B 77 20.28 -21.25 -7.39
C ALA B 77 21.29 -20.11 -7.21
N LYS B 78 22.14 -19.92 -8.21
CA LYS B 78 23.07 -18.80 -8.25
C LYS B 78 22.30 -17.52 -7.92
N LYS B 79 21.40 -17.14 -8.83
CA LYS B 79 20.62 -15.91 -8.76
C LYS B 79 19.89 -15.67 -7.42
N THR B 80 19.37 -16.74 -6.82
CA THR B 80 18.59 -16.63 -5.58
C THR B 80 19.34 -17.20 -4.37
N THR B 88 25.17 -19.35 -3.32
CA THR B 88 24.84 -20.44 -2.41
C THR B 88 25.64 -21.70 -2.69
N THR B 89 25.78 -22.57 -1.69
CA THR B 89 26.36 -23.89 -1.96
C THR B 89 25.44 -24.96 -1.40
N THR B 90 24.93 -24.70 -0.19
CA THR B 90 24.00 -25.60 0.47
C THR B 90 22.69 -25.72 -0.31
N ALA B 91 21.99 -24.59 -0.47
CA ALA B 91 20.79 -24.50 -1.30
C ALA B 91 20.86 -25.13 -2.72
N THR B 92 21.95 -24.93 -3.45
CA THR B 92 22.08 -25.59 -4.73
C THR B 92 22.19 -27.10 -4.57
N VAL B 93 23.09 -27.56 -3.74
CA VAL B 93 23.30 -28.99 -3.65
C VAL B 93 22.04 -29.67 -3.15
N LEU B 94 21.35 -28.93 -2.28
CA LEU B 94 20.09 -29.34 -1.69
C LEU B 94 18.99 -29.31 -2.75
N ALA B 95 18.96 -28.27 -3.58
CA ALA B 95 18.00 -28.22 -4.69
C ALA B 95 18.23 -29.35 -5.69
N GLN B 96 19.46 -29.43 -6.19
CA GLN B 96 19.84 -30.46 -7.12
C GLN B 96 19.36 -31.84 -6.70
N ALA B 97 19.56 -32.16 -5.42
CA ALA B 97 19.05 -33.42 -4.88
C ALA B 97 17.53 -33.55 -4.97
N LEU B 98 16.83 -32.47 -4.61
CA LEU B 98 15.38 -32.50 -4.62
C LEU B 98 14.88 -32.76 -6.03
N VAL B 99 15.31 -31.91 -6.96
CA VAL B 99 14.93 -32.04 -8.36
C VAL B 99 15.29 -33.42 -8.91
N ARG B 100 16.49 -33.89 -8.52
CA ARG B 100 17.01 -35.19 -8.95
C ARG B 100 16.08 -36.34 -8.57
N GLU B 101 15.74 -36.44 -7.29
CA GLU B 101 14.68 -37.34 -6.85
C GLU B 101 13.31 -37.00 -7.45
N GLY B 102 13.07 -35.71 -7.69
CA GLY B 102 11.84 -35.28 -8.32
C GLY B 102 11.61 -35.96 -9.65
N LEU B 103 12.43 -35.61 -10.63
CA LEU B 103 12.35 -36.21 -11.96
C LEU B 103 12.28 -37.71 -11.90
N ARG B 104 12.94 -38.29 -10.92
CA ARG B 104 12.94 -39.74 -10.85
C ARG B 104 11.54 -40.26 -10.62
N ASN B 105 10.76 -39.58 -9.77
CA ASN B 105 9.42 -40.05 -9.45
C ASN B 105 8.33 -39.53 -10.39
N VAL B 106 8.55 -38.34 -10.93
CA VAL B 106 7.73 -37.81 -12.02
C VAL B 106 7.74 -38.79 -13.19
N ALA B 107 8.88 -39.43 -13.43
CA ALA B 107 8.98 -40.42 -14.51
C ALA B 107 8.24 -41.71 -14.19
N ALA B 108 8.10 -42.01 -12.91
CA ALA B 108 7.41 -43.24 -12.52
C ALA B 108 5.90 -43.01 -12.41
N GLY B 109 5.40 -42.01 -13.11
CA GLY B 109 3.99 -41.66 -13.03
C GLY B 109 3.58 -41.06 -11.67
N ALA B 110 4.12 -39.89 -11.35
CA ALA B 110 3.77 -39.22 -10.10
C ALA B 110 3.41 -37.76 -10.34
N ASN B 111 2.27 -37.34 -9.78
CA ASN B 111 1.83 -35.96 -9.92
C ASN B 111 2.89 -34.96 -9.46
N PRO B 112 3.44 -34.20 -10.40
CA PRO B 112 4.39 -33.15 -10.09
C PRO B 112 3.87 -32.29 -8.97
N LEU B 113 2.56 -32.11 -8.90
CA LEU B 113 1.99 -31.20 -7.91
C LEU B 113 1.97 -31.86 -6.54
N GLY B 114 1.55 -33.12 -6.49
CA GLY B 114 1.49 -33.86 -5.24
C GLY B 114 2.84 -34.05 -4.59
N LEU B 115 3.86 -34.18 -5.44
CA LEU B 115 5.23 -34.35 -4.97
C LEU B 115 5.66 -33.00 -4.42
N LYS B 116 5.20 -31.95 -5.09
CA LYS B 116 5.48 -30.59 -4.64
C LYS B 116 4.91 -30.31 -3.24
N ARG B 117 3.59 -30.32 -3.09
CA ARG B 117 3.02 -30.04 -1.78
C ARG B 117 3.62 -30.97 -0.70
N GLY B 118 3.94 -32.20 -1.06
CA GLY B 118 4.51 -33.13 -0.11
C GLY B 118 5.87 -32.65 0.38
N ILE B 119 6.67 -32.16 -0.56
CA ILE B 119 7.92 -31.53 -0.21
C ILE B 119 7.67 -30.39 0.79
N GLU B 120 6.80 -29.44 0.43
CA GLU B 120 6.51 -28.29 1.29
C GLU B 120 6.22 -28.68 2.76
N LYS B 121 5.36 -29.67 2.96
CA LYS B 121 5.02 -30.15 4.31
C LYS B 121 6.26 -30.65 5.02
N ALA B 122 7.06 -31.43 4.29
CA ALA B 122 8.33 -31.94 4.80
C ALA B 122 9.22 -30.79 5.24
N VAL B 123 9.34 -29.79 4.36
CA VAL B 123 10.18 -28.63 4.67
C VAL B 123 9.64 -27.84 5.87
N GLU B 124 8.35 -27.53 5.91
CA GLU B 124 7.79 -26.91 7.11
C GLU B 124 8.19 -27.69 8.37
N LYS B 125 7.89 -28.99 8.39
CA LYS B 125 8.26 -29.82 9.55
C LYS B 125 9.75 -29.83 9.92
N VAL B 126 10.65 -29.88 8.93
CA VAL B 126 12.08 -29.90 9.21
C VAL B 126 12.44 -28.54 9.79
N THR B 127 11.85 -27.49 9.22
CA THR B 127 12.07 -26.15 9.71
C THR B 127 11.81 -26.10 11.21
N GLU B 128 10.65 -26.57 11.63
CA GLU B 128 10.32 -26.48 13.04
C GLU B 128 11.38 -27.22 13.81
N THR B 129 11.57 -28.51 13.50
CA THR B 129 12.60 -29.29 14.17
C THR B 129 13.97 -28.63 14.29
N LEU B 130 14.40 -27.91 13.25
CA LEU B 130 15.68 -27.17 13.27
C LEU B 130 15.63 -25.99 14.23
N LEU B 131 14.53 -25.24 14.20
CA LEU B 131 14.36 -24.12 15.13
C LEU B 131 14.26 -24.57 16.62
N LYS B 132 13.58 -25.69 16.88
CA LYS B 132 13.56 -26.26 18.22
C LYS B 132 14.98 -26.61 18.68
N GLY B 133 15.64 -27.53 17.97
CA GLY B 133 16.96 -28.03 18.35
C GLY B 133 18.13 -27.10 18.08
N ALA B 134 17.92 -25.82 18.37
CA ALA B 134 18.87 -24.79 18.02
C ALA B 134 19.45 -24.15 19.27
N LYS B 135 20.77 -24.12 19.33
CA LYS B 135 21.47 -23.58 20.48
C LYS B 135 21.43 -22.05 20.48
N GLU B 136 20.87 -21.47 21.54
CA GLU B 136 20.66 -20.03 21.61
C GLU B 136 21.98 -19.27 21.83
N VAL B 137 22.00 -18.01 21.38
CA VAL B 137 23.20 -17.19 21.47
C VAL B 137 22.76 -15.84 22.01
N GLU B 138 23.01 -15.62 23.30
CA GLU B 138 22.56 -14.39 23.95
C GLU B 138 23.65 -13.63 24.70
N THR B 139 24.52 -14.35 25.40
CA THR B 139 25.56 -13.70 26.17
C THR B 139 26.67 -13.13 25.26
N LYS B 140 27.07 -11.89 25.53
CA LYS B 140 28.21 -11.28 24.84
C LYS B 140 29.26 -12.33 24.57
N GLU B 141 29.50 -13.15 25.58
CA GLU B 141 30.52 -14.18 25.50
C GLU B 141 30.22 -15.13 24.33
N GLN B 142 29.01 -15.66 24.31
CA GLN B 142 28.58 -16.54 23.24
C GLN B 142 28.63 -15.81 21.91
N ILE B 143 27.89 -14.70 21.84
CA ILE B 143 27.91 -13.85 20.66
C ILE B 143 29.32 -13.68 20.10
N ALA B 144 30.25 -13.31 20.96
CA ALA B 144 31.62 -13.05 20.53
C ALA B 144 32.19 -14.29 19.90
N ALA B 145 31.80 -15.45 20.41
CA ALA B 145 32.32 -16.72 19.90
C ALA B 145 31.81 -16.98 18.48
N THR B 146 30.54 -16.68 18.27
CA THR B 146 29.94 -16.86 16.96
C THR B 146 30.65 -15.99 15.92
N ALA B 147 30.74 -14.69 16.20
CA ALA B 147 31.52 -13.79 15.37
C ALA B 147 32.97 -14.27 15.24
N ALA B 148 33.49 -14.81 16.34
CA ALA B 148 34.84 -15.35 16.32
C ALA B 148 35.01 -16.27 15.13
N ILE B 149 34.29 -17.38 15.14
CA ILE B 149 34.28 -18.30 14.01
C ILE B 149 34.13 -17.57 12.68
N SER B 150 33.04 -16.81 12.52
CA SER B 150 32.72 -16.18 11.22
C SER B 150 33.85 -15.39 10.58
N ALA B 151 34.84 -15.02 11.39
CA ALA B 151 35.94 -14.20 10.91
C ALA B 151 37.25 -14.95 11.12
N GLY B 152 37.18 -16.08 11.81
CA GLY B 152 38.36 -16.88 12.08
C GLY B 152 39.35 -16.19 12.99
N ASP B 153 38.85 -15.21 13.75
CA ASP B 153 39.69 -14.46 14.67
C ASP B 153 38.93 -14.07 15.93
N GLN B 154 39.51 -14.38 17.09
CA GLN B 154 38.88 -14.07 18.36
C GLN B 154 38.84 -12.57 18.61
N SER B 155 39.90 -11.88 18.19
CA SER B 155 39.99 -10.44 18.37
C SER B 155 38.79 -9.70 17.74
N ILE B 156 38.43 -10.09 16.53
CA ILE B 156 37.35 -9.44 15.79
C ILE B 156 35.96 -9.74 16.33
N GLY B 157 35.75 -10.97 16.76
CA GLY B 157 34.49 -11.38 17.34
C GLY B 157 34.18 -10.66 18.64
N ASP B 158 35.23 -10.32 19.38
CA ASP B 158 35.03 -9.67 20.68
C ASP B 158 34.67 -8.22 20.48
N LEU B 159 35.19 -7.65 19.40
CA LEU B 159 34.93 -6.27 19.10
C LEU B 159 33.50 -6.11 18.58
N ILE B 160 32.99 -7.15 17.91
CA ILE B 160 31.65 -7.12 17.34
C ILE B 160 30.63 -7.30 18.47
N ALA B 161 30.93 -8.23 19.36
CA ALA B 161 30.11 -8.51 20.52
C ALA B 161 30.04 -7.28 21.44
N GLU B 162 31.17 -6.60 21.57
CA GLU B 162 31.22 -5.31 22.24
C GLU B 162 30.19 -4.40 21.60
N ALA B 163 30.43 -4.04 20.34
CA ALA B 163 29.53 -3.19 19.57
C ALA B 163 28.06 -3.61 19.65
N MET B 164 27.79 -4.90 19.49
CA MET B 164 26.44 -5.41 19.55
C MET B 164 25.84 -5.18 20.94
N ASP B 165 26.65 -5.38 21.97
CA ASP B 165 26.22 -5.06 23.32
C ASP B 165 25.88 -3.56 23.48
N LYS B 166 26.76 -2.69 23.00
CA LYS B 166 26.55 -1.26 23.16
C LYS B 166 25.27 -0.80 22.46
N VAL B 167 25.21 -0.98 21.14
CA VAL B 167 24.05 -0.54 20.36
C VAL B 167 22.96 -1.61 20.27
N GLY B 168 23.21 -2.78 20.87
CA GLY B 168 22.22 -3.85 20.86
C GLY B 168 22.21 -4.65 19.57
N ASN B 169 21.80 -5.90 19.68
CA ASN B 169 21.82 -6.84 18.57
C ASN B 169 21.42 -6.29 17.21
N GLU B 170 20.39 -5.44 17.16
CA GLU B 170 19.85 -5.04 15.88
C GLU B 170 20.29 -3.64 15.49
N GLY B 171 21.38 -3.19 16.09
CA GLY B 171 21.83 -1.84 15.87
C GLY B 171 22.69 -1.65 14.64
N VAL B 172 22.72 -0.44 14.13
CA VAL B 172 23.58 -0.16 13.01
C VAL B 172 25.02 -0.34 13.43
N ILE B 173 25.71 -1.26 12.75
CA ILE B 173 27.12 -1.45 12.99
C ILE B 173 27.84 -1.40 11.67
N THR B 174 28.45 -0.25 11.38
CA THR B 174 29.19 -0.09 10.14
C THR B 174 30.68 -0.30 10.38
N VAL B 175 31.46 -0.42 9.32
CA VAL B 175 32.88 -0.72 9.43
C VAL B 175 33.58 0.27 8.56
N GLU B 176 34.70 0.80 9.03
CA GLU B 176 35.27 1.97 8.36
C GLU B 176 36.78 1.94 8.29
N GLU B 177 37.26 2.51 7.20
CA GLU B 177 38.66 2.46 6.83
C GLU B 177 39.51 3.42 7.68
N SER B 178 39.91 2.97 8.86
CA SER B 178 40.79 3.77 9.73
C SER B 178 42.23 3.87 9.19
N ASN B 179 42.89 5.00 9.44
CA ASN B 179 44.26 5.20 8.99
C ASN B 179 45.32 4.77 10.02
N THR B 180 44.96 4.82 11.30
CA THR B 180 45.76 4.17 12.32
C THR B 180 45.75 2.69 11.96
N PHE B 181 46.42 1.87 12.74
CA PHE B 181 46.37 0.44 12.51
C PHE B 181 45.55 -0.22 13.64
N GLY B 182 45.53 -1.56 13.64
CA GLY B 182 44.76 -2.29 14.64
C GLY B 182 43.25 -2.23 14.40
N LEU B 183 42.51 -2.11 15.51
CA LEU B 183 41.07 -2.33 15.52
C LEU B 183 40.48 -1.51 16.66
N GLN B 184 39.57 -0.60 16.34
CA GLN B 184 39.09 0.37 17.33
C GLN B 184 37.58 0.48 17.24
N LEU B 185 36.91 0.53 18.39
CA LEU B 185 35.45 0.78 18.40
C LEU B 185 35.06 2.20 18.82
N GLU B 186 34.30 2.89 17.97
CA GLU B 186 33.71 4.18 18.36
C GLU B 186 32.20 4.24 18.19
N LEU B 187 31.50 4.86 19.13
CA LEU B 187 30.07 5.13 18.99
C LEU B 187 29.78 6.58 18.66
N THR B 188 28.71 6.79 17.90
CA THR B 188 28.30 8.10 17.43
C THR B 188 26.79 8.09 17.32
N GLU B 189 26.20 9.16 16.79
CA GLU B 189 24.77 9.12 16.47
C GLU B 189 24.58 8.99 14.98
N GLY B 190 23.34 8.77 14.58
CA GLY B 190 22.99 8.52 13.20
C GLY B 190 21.99 7.40 13.13
N MET B 191 21.72 6.93 11.93
CA MET B 191 20.69 5.93 11.76
C MET B 191 20.78 5.36 10.37
N ARG B 192 19.93 4.39 10.09
CA ARG B 192 19.97 3.72 8.82
C ARG B 192 18.52 3.43 8.42
N PHE B 193 18.18 3.64 7.15
CA PHE B 193 16.87 3.25 6.68
C PHE B 193 16.95 2.44 5.39
N ASP B 194 15.95 1.63 5.12
CA ASP B 194 16.01 0.75 3.94
C ASP B 194 15.63 1.46 2.63
N LYS B 195 16.48 2.37 2.19
CA LYS B 195 16.29 3.10 0.96
C LYS B 195 17.66 3.42 0.37
N GLY B 196 17.98 2.82 -0.78
CA GLY B 196 19.24 3.03 -1.45
C GLY B 196 19.25 4.24 -2.36
N TYR B 197 20.31 4.37 -3.16
CA TYR B 197 20.40 5.44 -4.16
C TYR B 197 19.30 5.28 -5.20
N ILE B 198 18.84 6.41 -5.72
CA ILE B 198 17.87 6.39 -6.78
C ILE B 198 18.50 5.86 -8.05
N SER B 199 19.58 6.50 -8.49
CA SER B 199 20.37 5.98 -9.60
C SER B 199 21.64 5.28 -9.08
N GLY B 200 22.00 4.18 -9.72
CA GLY B 200 23.26 3.50 -9.44
C GLY B 200 24.45 4.29 -9.98
N TYR B 201 24.16 5.42 -10.60
CA TYR B 201 25.19 6.28 -11.14
C TYR B 201 25.77 7.19 -10.06
N PHE B 202 25.14 7.18 -8.90
CA PHE B 202 25.60 8.01 -7.78
C PHE B 202 26.74 7.30 -7.04
N VAL B 203 27.04 6.09 -7.51
CA VAL B 203 28.11 5.24 -6.94
C VAL B 203 29.57 5.77 -7.08
N THR B 204 30.44 5.26 -6.22
CA THR B 204 31.77 5.82 -6.03
C THR B 204 32.79 4.73 -5.70
N ASP B 205 32.31 3.62 -5.16
CA ASP B 205 33.15 2.47 -4.89
C ASP B 205 32.56 1.27 -5.60
N PRO B 206 32.79 1.19 -6.92
CA PRO B 206 32.21 0.23 -7.86
C PRO B 206 32.17 -1.19 -7.32
N GLU B 207 33.21 -1.57 -6.57
CA GLU B 207 33.33 -2.94 -6.09
C GLU B 207 32.36 -3.27 -4.98
N ARG B 208 32.08 -2.29 -4.13
CA ARG B 208 31.13 -2.49 -3.06
C ARG B 208 29.75 -2.01 -3.50
N GLN B 209 29.73 -1.19 -4.54
CA GLN B 209 28.48 -0.69 -5.09
C GLN B 209 27.85 0.21 -4.03
N GLU B 210 28.67 1.11 -3.52
CA GLU B 210 28.24 2.09 -2.53
C GLU B 210 28.65 3.47 -3.00
N ALA B 211 27.89 4.46 -2.55
CA ALA B 211 28.25 5.87 -2.67
C ALA B 211 28.58 6.37 -1.27
N VAL B 212 29.60 7.22 -1.16
CA VAL B 212 30.11 7.66 0.12
C VAL B 212 30.29 9.16 0.04
N LEU B 213 29.61 9.88 0.92
CA LEU B 213 29.85 11.31 1.00
C LEU B 213 30.59 11.57 2.28
N GLU B 214 31.34 12.66 2.28
CA GLU B 214 32.21 12.97 3.37
C GLU B 214 31.89 14.42 3.76
N ASP B 215 31.63 14.63 5.04
CA ASP B 215 31.17 15.93 5.56
C ASP B 215 29.95 16.47 4.80
N PRO B 216 28.95 15.59 4.54
CA PRO B 216 27.85 15.95 3.64
C PRO B 216 26.81 16.90 4.22
N TYR B 217 26.30 17.78 3.36
CA TYR B 217 25.12 18.57 3.68
C TYR B 217 23.89 17.71 3.39
N ILE B 218 22.84 17.84 4.20
CA ILE B 218 21.69 16.97 4.08
C ILE B 218 20.45 17.79 3.77
N LEU B 219 19.92 17.60 2.56
CA LEU B 219 18.66 18.22 2.13
C LEU B 219 17.46 17.30 2.33
N LEU B 220 16.50 17.76 3.12
CA LEU B 220 15.34 16.93 3.44
C LEU B 220 14.11 17.65 2.97
N VAL B 221 13.39 16.99 2.06
CA VAL B 221 12.26 17.61 1.34
C VAL B 221 11.04 16.73 1.35
N SER B 222 9.91 17.24 1.85
CA SER B 222 8.71 16.39 1.94
C SER B 222 7.84 16.51 0.72
N SER B 223 8.45 16.48 -0.45
CA SER B 223 7.71 16.39 -1.70
C SER B 223 8.64 15.85 -2.76
N LYS B 224 8.17 15.77 -3.99
CA LYS B 224 9.04 15.35 -5.07
C LYS B 224 9.95 16.48 -5.52
N VAL B 225 11.09 16.14 -6.13
CA VAL B 225 11.97 17.14 -6.68
C VAL B 225 12.20 16.77 -8.15
N SER B 226 11.84 17.66 -9.06
CA SER B 226 11.97 17.38 -10.48
C SER B 226 12.32 18.60 -11.33
N THR B 227 11.97 19.77 -10.84
CA THR B 227 12.25 21.01 -11.56
C THR B 227 13.71 21.27 -11.29
N VAL B 228 14.17 22.41 -11.78
CA VAL B 228 15.53 22.85 -11.54
C VAL B 228 15.40 24.21 -10.92
N LYS B 229 14.34 24.90 -11.32
CA LYS B 229 14.13 26.31 -10.97
C LYS B 229 14.20 26.52 -9.46
N ASP B 230 14.01 25.45 -8.70
CA ASP B 230 14.04 25.52 -7.24
C ASP B 230 15.28 24.83 -6.69
N LEU B 231 15.89 23.99 -7.51
CA LEU B 231 17.12 23.30 -7.14
C LEU B 231 18.36 24.18 -7.13
N LEU B 232 18.69 24.76 -8.29
CA LEU B 232 19.92 25.53 -8.45
C LEU B 232 20.19 26.60 -7.39
N PRO B 233 19.16 27.35 -6.96
CA PRO B 233 19.34 28.26 -5.83
C PRO B 233 20.11 27.55 -4.72
N LEU B 234 19.51 26.48 -4.22
CA LEU B 234 20.13 25.65 -3.20
C LEU B 234 21.46 25.05 -3.67
N LEU B 235 21.44 24.35 -4.80
CA LEU B 235 22.66 23.71 -5.30
C LEU B 235 23.89 24.65 -5.28
N GLU B 236 23.78 25.82 -5.93
CA GLU B 236 24.87 26.80 -5.95
C GLU B 236 25.47 27.02 -4.58
N LYS B 237 24.63 27.54 -3.69
CA LYS B 237 24.99 27.85 -2.32
C LYS B 237 25.71 26.67 -1.64
N VAL B 238 25.55 25.46 -2.19
CA VAL B 238 26.21 24.28 -1.62
C VAL B 238 27.56 23.97 -2.27
N ILE B 239 27.68 24.22 -3.57
CA ILE B 239 28.97 24.05 -4.23
C ILE B 239 29.90 25.19 -3.82
N GLY B 240 29.30 26.32 -3.44
CA GLY B 240 30.05 27.45 -2.90
C GLY B 240 30.62 27.18 -1.50
N ALA B 241 30.34 25.99 -0.99
CA ALA B 241 30.91 25.54 0.29
C ALA B 241 31.88 24.39 0.05
N GLY B 242 31.94 23.93 -1.19
CA GLY B 242 32.75 22.79 -1.55
C GLY B 242 32.44 21.60 -0.66
N LYS B 243 31.16 21.40 -0.36
CA LYS B 243 30.71 20.26 0.43
C LYS B 243 29.83 19.39 -0.45
N PRO B 244 29.75 18.09 -0.14
CA PRO B 244 28.87 17.20 -0.90
C PRO B 244 27.46 17.20 -0.29
N LEU B 245 26.51 16.58 -0.97
CA LEU B 245 25.13 16.73 -0.54
C LEU B 245 24.36 15.45 -0.70
N LEU B 246 23.66 15.08 0.37
CA LEU B 246 22.66 14.04 0.32
C LEU B 246 21.29 14.70 0.32
N ILE B 247 20.44 14.32 -0.63
CA ILE B 247 19.08 14.82 -0.64
C ILE B 247 18.12 13.65 -0.52
N ILE B 248 17.29 13.75 0.52
CA ILE B 248 16.25 12.76 0.79
C ILE B 248 14.91 13.44 0.58
N ALA B 249 14.22 13.09 -0.50
CA ALA B 249 12.91 13.66 -0.81
C ALA B 249 11.92 12.59 -1.24
N GLU B 250 10.64 12.94 -1.34
CA GLU B 250 9.63 11.97 -1.70
C GLU B 250 10.14 11.16 -2.88
N ASP B 251 10.83 11.83 -3.78
CA ASP B 251 11.46 11.19 -4.91
C ASP B 251 12.27 12.22 -5.70
N VAL B 252 13.21 11.76 -6.52
CA VAL B 252 13.91 12.66 -7.45
C VAL B 252 13.70 12.22 -8.89
N GLU B 253 12.93 13.03 -9.62
CA GLU B 253 12.54 12.77 -11.01
C GLU B 253 13.45 13.50 -11.97
N GLY B 254 13.52 13.00 -13.19
CA GLY B 254 14.37 13.58 -14.20
C GLY B 254 14.33 15.06 -14.55
N GLU B 255 15.50 15.66 -14.66
CA GLU B 255 15.65 17.10 -14.80
C GLU B 255 16.16 17.66 -13.48
N ALA B 256 16.10 16.80 -12.47
CA ALA B 256 16.58 17.09 -11.13
C ALA B 256 17.50 15.89 -10.81
N LEU B 257 17.09 14.71 -11.28
CA LEU B 257 17.85 13.46 -11.20
C LEU B 257 19.02 13.48 -12.14
N SER B 258 18.83 14.14 -13.28
CA SER B 258 19.85 14.16 -14.33
C SER B 258 20.86 15.27 -14.09
N THR B 259 20.37 16.40 -13.59
CA THR B 259 21.25 17.47 -13.14
C THR B 259 22.14 16.96 -11.99
N LEU B 260 21.63 16.02 -11.23
CA LEU B 260 22.39 15.44 -10.12
C LEU B 260 23.41 14.46 -10.66
N VAL B 261 22.93 13.46 -11.40
CA VAL B 261 23.83 12.42 -11.90
C VAL B 261 24.90 13.01 -12.80
N VAL B 262 24.51 14.00 -13.59
CA VAL B 262 25.44 14.62 -14.54
C VAL B 262 26.55 15.43 -13.85
N ASN B 263 26.18 16.45 -13.08
CA ASN B 263 27.17 17.28 -12.39
C ASN B 263 28.09 16.40 -11.57
N LYS B 264 27.62 15.19 -11.29
CA LYS B 264 28.33 14.27 -10.44
C LYS B 264 29.51 13.63 -11.17
N ILE B 265 29.28 13.29 -12.45
CA ILE B 265 30.34 12.77 -13.33
C ILE B 265 31.28 13.86 -13.83
N ARG B 266 30.73 14.98 -14.27
CA ARG B 266 31.52 16.18 -14.52
C ARG B 266 32.48 16.36 -13.35
N GLY B 267 32.12 15.79 -12.20
CA GLY B 267 32.87 15.96 -10.97
C GLY B 267 32.60 17.33 -10.38
N THR B 268 31.66 18.07 -10.98
CA THR B 268 31.35 19.40 -10.50
C THR B 268 30.68 19.35 -9.13
N PHE B 269 29.84 18.34 -8.94
CA PHE B 269 29.08 18.16 -7.71
C PHE B 269 28.92 16.69 -7.39
N LYS B 270 29.53 16.26 -6.28
CA LYS B 270 29.28 14.92 -5.74
C LYS B 270 28.02 15.00 -4.87
N SER B 271 27.27 13.89 -4.86
CA SER B 271 26.06 13.79 -4.05
C SER B 271 25.41 12.43 -4.21
N VAL B 272 24.12 12.37 -3.91
CA VAL B 272 23.34 11.16 -4.02
C VAL B 272 21.91 11.61 -3.77
N ALA B 273 20.96 10.82 -4.23
CA ALA B 273 19.56 11.07 -3.94
C ALA B 273 18.91 9.79 -3.48
N VAL B 274 18.19 9.87 -2.38
CA VAL B 274 17.54 8.69 -1.83
C VAL B 274 16.05 8.96 -1.65
N LYS B 275 15.20 7.98 -1.93
CA LYS B 275 13.78 8.11 -1.59
C LYS B 275 13.54 8.15 -0.08
N ALA B 276 12.86 9.18 0.41
CA ALA B 276 12.53 9.21 1.84
C ALA B 276 11.72 7.96 2.18
N PRO B 277 12.07 7.29 3.29
CA PRO B 277 11.37 6.08 3.75
C PRO B 277 9.90 6.32 4.12
N GLY B 278 9.11 5.26 4.05
CA GLY B 278 7.72 5.27 4.48
C GLY B 278 6.77 5.81 3.45
N PHE B 279 5.53 6.08 3.90
CA PHE B 279 4.48 6.65 3.04
C PHE B 279 3.68 7.73 3.80
N GLY B 280 3.26 8.75 3.09
CA GLY B 280 2.36 9.76 3.61
C GLY B 280 2.82 10.49 4.85
N ASP B 281 2.03 10.39 5.92
CA ASP B 281 2.28 11.13 7.13
C ASP B 281 3.43 10.56 7.97
N ARG B 282 3.60 9.23 8.00
CA ARG B 282 4.71 8.64 8.76
C ARG B 282 5.97 9.04 8.05
N ARG B 283 5.89 9.11 6.71
CA ARG B 283 7.01 9.55 5.92
C ARG B 283 7.48 10.98 6.27
N LYS B 284 6.56 11.87 6.63
CA LYS B 284 6.94 13.23 6.99
C LYS B 284 7.52 13.28 8.40
N ALA B 285 7.18 12.29 9.21
CA ALA B 285 7.67 12.24 10.58
C ALA B 285 9.08 11.67 10.60
N MET B 286 9.38 10.83 9.62
CA MET B 286 10.70 10.26 9.54
C MET B 286 11.64 11.25 8.90
N LEU B 287 11.11 12.16 8.10
CA LEU B 287 11.92 13.26 7.61
C LEU B 287 12.11 14.27 8.71
N GLN B 288 11.10 14.47 9.54
CA GLN B 288 11.29 15.36 10.67
C GLN B 288 12.41 14.78 11.53
N ASP B 289 12.25 13.50 11.88
CA ASP B 289 13.24 12.75 12.65
C ASP B 289 14.64 13.07 12.18
N MET B 290 14.91 12.78 10.90
CA MET B 290 16.21 13.05 10.28
C MET B 290 16.69 14.50 10.37
N ALA B 291 15.79 15.46 10.21
CA ALA B 291 16.16 16.86 10.42
C ALA B 291 16.69 17.10 11.85
N ILE B 292 15.98 16.55 12.83
CA ILE B 292 16.37 16.69 14.23
C ILE B 292 17.70 16.00 14.51
N LEU B 293 17.92 14.86 13.86
CA LEU B 293 19.13 14.10 14.05
C LEU B 293 20.22 14.52 13.05
N THR B 294 19.99 15.66 12.41
CA THR B 294 20.95 16.18 11.43
C THR B 294 21.15 17.69 11.61
N GLY B 295 20.23 18.32 12.33
CA GLY B 295 20.30 19.74 12.58
C GLY B 295 19.70 20.62 11.49
N GLY B 296 18.89 20.01 10.62
CA GLY B 296 18.27 20.72 9.53
C GLY B 296 16.77 20.88 9.71
N GLN B 297 16.12 21.50 8.73
CA GLN B 297 14.66 21.66 8.72
C GLN B 297 14.13 21.06 7.46
N VAL B 298 13.07 20.26 7.57
CA VAL B 298 12.46 19.66 6.40
C VAL B 298 11.89 20.73 5.45
N ILE B 299 12.28 20.65 4.20
CA ILE B 299 11.80 21.57 3.16
C ILE B 299 10.43 21.15 2.64
N SER B 300 9.41 21.90 3.04
CA SER B 300 8.02 21.61 2.72
C SER B 300 7.35 22.92 2.44
N GLU B 301 7.16 23.25 1.17
CA GLU B 301 6.74 24.60 0.85
C GLU B 301 5.41 24.93 1.53
N GLU B 302 4.66 23.88 1.88
CA GLU B 302 3.37 24.00 2.55
C GLU B 302 3.44 24.75 3.90
N VAL B 303 4.64 24.84 4.49
CA VAL B 303 4.83 25.59 5.73
C VAL B 303 5.95 26.64 5.58
N GLY B 304 5.74 27.61 4.68
CA GLY B 304 6.60 28.77 4.54
C GLY B 304 8.10 28.52 4.43
N LEU B 305 8.46 27.34 3.90
CA LEU B 305 9.88 26.96 3.74
C LEU B 305 10.21 26.55 2.30
N THR B 306 10.28 27.53 1.39
CA THR B 306 10.59 27.32 -0.01
C THR B 306 11.86 26.49 -0.25
N LEU B 307 11.85 25.69 -1.31
CA LEU B 307 13.07 25.10 -1.80
C LEU B 307 13.90 26.14 -2.53
N GLU B 308 13.21 27.00 -3.28
CA GLU B 308 13.81 28.09 -4.04
C GLU B 308 14.51 29.11 -3.15
N ASN B 309 14.23 29.04 -1.84
CA ASN B 309 14.82 29.94 -0.86
C ASN B 309 15.26 29.20 0.38
N ALA B 310 16.55 28.89 0.45
CA ALA B 310 17.07 28.13 1.57
C ALA B 310 18.58 28.36 1.72
N ASP B 311 18.98 28.96 2.83
CA ASP B 311 20.40 29.07 3.13
C ASP B 311 20.84 27.73 3.68
N LEU B 312 22.16 27.50 3.69
CA LEU B 312 22.72 26.27 4.22
C LEU B 312 22.22 26.06 5.63
N SER B 313 21.66 27.12 6.22
CA SER B 313 21.09 27.08 7.56
C SER B 313 20.03 25.99 7.72
N LEU B 314 19.34 25.66 6.64
CA LEU B 314 18.24 24.71 6.72
C LEU B 314 18.69 23.25 6.54
N LEU B 315 19.94 23.07 6.17
CA LEU B 315 20.45 21.73 5.92
C LEU B 315 21.15 21.15 7.13
N GLY B 316 20.90 19.87 7.39
CA GLY B 316 21.62 19.18 8.43
C GLY B 316 23.00 18.82 7.90
N LYS B 317 23.92 18.55 8.82
CA LYS B 317 25.25 18.09 8.47
C LYS B 317 25.45 16.71 9.07
N ALA B 318 26.50 16.02 8.64
CA ALA B 318 26.94 14.80 9.31
C ALA B 318 28.41 14.54 8.97
N ARG B 319 28.97 13.47 9.51
CA ARG B 319 30.37 13.19 9.22
C ARG B 319 30.56 12.40 7.93
N LYS B 320 29.87 11.27 7.81
CA LYS B 320 29.87 10.53 6.57
C LYS B 320 28.51 9.89 6.31
N VAL B 321 28.09 9.92 5.05
CA VAL B 321 26.90 9.18 4.66
C VAL B 321 27.32 8.02 3.79
N VAL B 322 26.55 6.95 3.83
CA VAL B 322 26.86 5.81 2.99
C VAL B 322 25.58 5.20 2.46
N VAL B 323 25.43 5.25 1.14
CA VAL B 323 24.23 4.72 0.47
C VAL B 323 24.57 3.47 -0.31
N THR B 324 23.84 2.39 -0.04
CA THR B 324 23.98 1.15 -0.80
C THR B 324 22.71 0.98 -1.61
N LYS B 325 22.58 -0.15 -2.28
CA LYS B 325 21.50 -0.37 -3.21
C LYS B 325 20.15 -0.30 -2.51
N ASP B 326 20.16 -0.39 -1.18
CA ASP B 326 18.89 -0.42 -0.42
C ASP B 326 18.88 0.21 0.98
N GLU B 327 19.98 0.81 1.42
CA GLU B 327 19.99 1.45 2.72
C GLU B 327 20.92 2.64 2.83
N THR B 328 20.38 3.73 3.35
CA THR B 328 21.17 4.91 3.63
C THR B 328 21.62 4.86 5.09
N THR B 329 22.90 5.07 5.32
CA THR B 329 23.40 5.25 6.67
C THR B 329 23.98 6.62 6.84
N ILE B 330 23.43 7.38 7.77
CA ILE B 330 24.03 8.62 8.22
C ILE B 330 24.85 8.34 9.50
N VAL B 331 26.05 8.91 9.58
CA VAL B 331 26.91 8.73 10.73
C VAL B 331 27.37 10.03 11.37
N GLU B 332 26.72 10.41 12.46
CA GLU B 332 27.05 11.67 13.14
C GLU B 332 25.81 12.56 13.26
N GLY B 333 25.98 13.71 13.90
CA GLY B 333 24.94 14.73 13.95
C GLY B 333 25.54 16.10 14.20
N ALA B 334 24.77 17.15 13.92
CA ALA B 334 23.41 17.00 13.40
C ALA B 334 22.36 17.17 14.50
N GLY B 335 22.08 18.41 14.86
CA GLY B 335 21.10 18.70 15.88
C GLY B 335 21.64 18.49 17.29
N ASP B 336 21.20 19.33 18.22
CA ASP B 336 21.64 19.22 19.62
C ASP B 336 21.26 17.92 20.35
N THR B 337 22.03 17.62 21.39
CA THR B 337 21.77 16.49 22.28
C THR B 337 20.44 16.74 22.96
N ASP B 338 20.07 18.01 23.06
CA ASP B 338 18.78 18.44 23.59
C ASP B 338 17.58 18.02 22.73
N ALA B 339 17.50 18.63 21.55
CA ALA B 339 16.56 18.31 20.49
C ALA B 339 16.43 16.81 20.25
N ILE B 340 17.56 16.14 20.07
CA ILE B 340 17.52 14.70 19.82
C ILE B 340 16.97 13.95 21.03
N ALA B 341 17.22 14.48 22.23
CA ALA B 341 16.62 13.92 23.43
C ALA B 341 15.12 14.23 23.41
N GLY B 342 14.77 15.51 23.26
CA GLY B 342 13.39 15.95 23.07
C GLY B 342 12.55 15.01 22.20
N ARG B 343 12.96 14.85 20.93
CA ARG B 343 12.33 13.93 19.98
C ARG B 343 12.23 12.52 20.54
N VAL B 344 13.29 12.08 21.21
CA VAL B 344 13.33 10.71 21.67
C VAL B 344 12.24 10.51 22.71
N ALA B 345 12.15 11.47 23.63
CA ALA B 345 11.13 11.42 24.67
C ALA B 345 9.74 11.51 24.06
N GLN B 346 9.49 12.58 23.33
CA GLN B 346 8.20 12.75 22.70
C GLN B 346 7.71 11.45 22.05
N ILE B 347 8.62 10.72 21.43
CA ILE B 347 8.24 9.45 20.81
C ILE B 347 7.95 8.36 21.85
N ARG B 348 8.69 8.38 22.96
CA ARG B 348 8.37 7.50 24.09
C ARG B 348 6.97 7.81 24.60
N GLN B 349 6.60 9.08 24.54
CA GLN B 349 5.27 9.53 24.92
C GLN B 349 4.21 8.89 24.03
N GLU B 350 4.21 9.25 22.75
CA GLU B 350 3.24 8.69 21.81
C GLU B 350 3.13 7.20 22.02
N ILE B 351 4.24 6.57 22.40
CA ILE B 351 4.26 5.14 22.58
C ILE B 351 3.33 4.76 23.71
N GLU B 352 3.47 5.47 24.82
CA GLU B 352 2.68 5.22 26.03
C GLU B 352 1.21 5.58 25.92
N ASN B 353 0.94 6.66 25.18
CA ASN B 353 -0.43 7.16 25.02
C ASN B 353 -1.18 6.50 23.87
N SER B 354 -0.56 5.49 23.25
CA SER B 354 -1.26 4.76 22.20
C SER B 354 -1.69 3.39 22.69
N ASP B 355 -2.85 2.96 22.21
CA ASP B 355 -3.39 1.65 22.53
C ASP B 355 -3.48 0.84 21.24
N SER B 356 -3.19 1.49 20.12
CA SER B 356 -3.16 0.82 18.84
C SER B 356 -1.75 0.28 18.66
N ASP B 357 -1.63 -1.03 18.41
CA ASP B 357 -0.31 -1.70 18.37
C ASP B 357 0.57 -1.32 17.16
N TYR B 358 -0.08 -1.04 16.04
CA TYR B 358 0.63 -0.63 14.85
C TYR B 358 1.55 0.55 15.17
N ASP B 359 0.95 1.65 15.59
CA ASP B 359 1.69 2.89 15.83
C ASP B 359 2.82 2.77 16.82
N ARG B 360 2.65 1.88 17.80
CA ARG B 360 3.72 1.62 18.77
C ARG B 360 4.84 0.86 18.10
N GLU B 361 4.48 -0.11 17.26
CA GLU B 361 5.46 -0.74 16.36
C GLU B 361 6.33 0.21 15.54
N LYS B 362 5.67 1.01 14.70
CA LYS B 362 6.32 2.05 13.93
C LYS B 362 7.01 3.10 14.82
N LEU B 363 6.47 3.34 16.02
CA LEU B 363 7.10 4.29 16.94
C LEU B 363 8.37 3.74 17.54
N GLN B 364 8.30 2.50 18.02
CA GLN B 364 9.48 1.87 18.59
C GLN B 364 10.57 1.92 17.54
N GLU B 365 10.17 1.58 16.32
CA GLU B 365 11.00 1.70 15.13
C GLU B 365 11.70 3.06 14.95
N ARG B 366 10.93 4.12 14.75
CA ARG B 366 11.50 5.46 14.74
C ARG B 366 12.41 5.67 15.94
N LEU B 367 11.94 5.32 17.13
CA LEU B 367 12.75 5.49 18.32
C LEU B 367 14.11 4.81 18.17
N ALA B 368 14.07 3.54 17.80
CA ALA B 368 15.29 2.73 17.68
C ALA B 368 16.41 3.43 16.89
N LYS B 369 16.10 3.83 15.65
CA LYS B 369 17.04 4.55 14.80
C LYS B 369 17.50 5.80 15.52
N LEU B 370 16.54 6.55 16.01
CA LEU B 370 16.82 7.85 16.60
C LEU B 370 17.58 7.74 17.91
N ALA B 371 17.38 6.64 18.64
CA ALA B 371 17.94 6.50 19.98
C ALA B 371 19.18 5.62 20.01
N GLY B 372 19.20 4.62 19.14
CA GLY B 372 20.25 3.62 19.13
C GLY B 372 21.61 4.17 18.73
N GLY B 373 21.64 5.19 17.87
CA GLY B 373 22.89 5.65 17.31
C GLY B 373 23.58 4.56 16.49
N VAL B 374 24.86 4.76 16.22
CA VAL B 374 25.61 3.91 15.30
C VAL B 374 26.97 3.48 15.86
N ALA B 375 27.23 2.18 15.87
CA ALA B 375 28.55 1.65 16.22
C ALA B 375 29.48 1.61 15.00
N VAL B 376 30.67 2.15 15.15
CA VAL B 376 31.60 2.16 14.05
C VAL B 376 32.85 1.36 14.34
N ILE B 377 33.03 0.25 13.61
CA ILE B 377 34.29 -0.49 13.71
C ILE B 377 35.36 0.05 12.77
N LYS B 378 36.50 0.37 13.34
CA LYS B 378 37.61 0.98 12.61
C LYS B 378 38.71 -0.05 12.44
N ALA B 379 39.15 -0.25 11.20
CA ALA B 379 40.18 -1.24 10.93
C ALA B 379 41.42 -0.58 10.34
N GLY B 380 42.59 -0.98 10.84
CA GLY B 380 43.86 -0.54 10.27
C GLY B 380 44.43 -1.52 9.26
N ALA B 381 45.32 -1.03 8.40
CA ALA B 381 45.93 -1.87 7.38
C ALA B 381 46.96 -1.05 6.59
N ALA B 382 47.67 -1.71 5.68
CA ALA B 382 48.53 -1.02 4.73
C ALA B 382 48.28 -1.21 3.24
N THR B 383 47.97 -2.46 2.86
CA THR B 383 47.53 -2.72 1.50
C THR B 383 46.04 -2.34 1.51
N GLU B 384 45.60 -1.54 0.54
CA GLU B 384 44.19 -1.22 0.40
C GLU B 384 43.42 -2.53 0.20
N VAL B 385 44.12 -3.54 -0.30
CA VAL B 385 43.54 -4.84 -0.52
C VAL B 385 43.25 -5.51 0.81
N GLU B 386 44.11 -5.23 1.79
CA GLU B 386 43.93 -5.80 3.13
C GLU B 386 42.81 -5.05 3.82
N LEU B 387 42.88 -3.73 3.74
CA LEU B 387 41.80 -2.88 4.20
C LEU B 387 40.50 -3.46 3.65
N LYS B 388 40.51 -3.83 2.39
CA LYS B 388 39.36 -4.47 1.78
C LYS B 388 39.04 -5.78 2.47
N GLU B 389 39.96 -6.72 2.45
CA GLU B 389 39.63 -8.07 2.90
C GLU B 389 39.13 -8.05 4.32
N ARG B 390 39.65 -7.08 5.06
CA ARG B 390 39.32 -6.87 6.45
C ARG B 390 37.87 -6.38 6.60
N LYS B 391 37.61 -5.21 6.03
CA LYS B 391 36.27 -4.65 5.98
C LYS B 391 35.25 -5.75 5.67
N HIS B 392 35.57 -6.59 4.70
CA HIS B 392 34.73 -7.73 4.33
C HIS B 392 34.55 -8.73 5.44
N ARG B 393 35.66 -9.31 5.86
CA ARG B 393 35.65 -10.28 6.94
C ARG B 393 34.80 -9.80 8.12
N ILE B 394 34.94 -8.53 8.49
CA ILE B 394 34.24 -8.01 9.66
C ILE B 394 32.75 -7.93 9.34
N GLU B 395 32.44 -7.29 8.23
CA GLU B 395 31.07 -7.17 7.78
C GLU B 395 30.35 -8.52 7.73
N ASP B 396 31.01 -9.53 7.21
CA ASP B 396 30.44 -10.87 7.24
C ASP B 396 30.15 -11.36 8.66
N ALA B 397 31.08 -11.15 9.60
CA ALA B 397 30.92 -11.63 10.97
C ALA B 397 29.75 -10.97 11.66
N VAL B 398 29.56 -9.69 11.38
CA VAL B 398 28.40 -8.98 11.87
C VAL B 398 27.09 -9.63 11.44
N ARG B 399 26.90 -9.82 10.14
CA ARG B 399 25.63 -10.40 9.71
C ARG B 399 25.45 -11.80 10.24
N ASN B 400 26.52 -12.54 10.43
CA ASN B 400 26.38 -13.86 11.04
C ASN B 400 26.00 -13.73 12.49
N ALA B 401 26.61 -12.76 13.14
CA ALA B 401 26.34 -12.57 14.56
C ALA B 401 24.86 -12.26 14.67
N LYS B 402 24.41 -11.26 13.92
CA LYS B 402 23.02 -10.86 14.02
C LYS B 402 22.02 -12.00 13.72
N ALA B 403 22.33 -12.86 12.74
CA ALA B 403 21.48 -13.97 12.38
C ALA B 403 21.44 -15.08 13.42
N ALA B 404 22.52 -15.16 14.19
CA ALA B 404 22.65 -16.22 15.16
C ALA B 404 21.85 -15.80 16.38
N VAL B 405 21.77 -14.50 16.61
CA VAL B 405 20.99 -13.95 17.72
C VAL B 405 19.48 -13.95 17.47
N GLU B 406 19.04 -14.52 16.35
CA GLU B 406 17.63 -14.51 16.05
C GLU B 406 16.83 -15.78 15.91
N GLU B 407 17.46 -16.80 15.37
CA GLU B 407 16.96 -18.16 15.42
C GLU B 407 17.98 -19.03 16.16
N GLY B 408 19.11 -18.43 16.49
CA GLY B 408 20.13 -19.15 17.21
C GLY B 408 21.15 -19.75 16.29
N ILE B 409 21.72 -20.88 16.70
CA ILE B 409 22.90 -21.48 16.05
C ILE B 409 22.94 -23.00 16.11
N VAL B 410 23.55 -23.59 15.09
CA VAL B 410 23.51 -25.04 14.96
C VAL B 410 24.78 -25.56 14.34
N ALA B 411 25.08 -26.83 14.62
CA ALA B 411 26.26 -27.47 14.09
C ALA B 411 26.21 -27.45 12.56
N GLY B 412 27.26 -26.91 11.97
CA GLY B 412 27.39 -26.84 10.52
C GLY B 412 27.78 -28.17 9.93
N GLY B 413 28.66 -28.12 8.94
CA GLY B 413 29.17 -29.32 8.30
C GLY B 413 28.10 -30.07 7.55
N GLY B 414 26.87 -29.58 7.64
CA GLY B 414 25.72 -30.17 6.96
C GLY B 414 25.19 -31.33 7.76
N VAL B 415 25.61 -31.38 9.02
CA VAL B 415 25.23 -32.48 9.91
C VAL B 415 23.86 -32.24 10.53
N THR B 416 23.59 -31.02 10.95
CA THR B 416 22.27 -30.73 11.49
C THR B 416 21.19 -31.18 10.56
N LEU B 417 21.36 -30.86 9.27
CA LEU B 417 20.34 -31.21 8.29
C LEU B 417 20.20 -32.70 8.12
N LEU B 418 21.31 -33.40 7.99
CA LEU B 418 21.25 -34.85 7.76
C LEU B 418 20.70 -35.58 8.98
N GLN B 419 20.85 -34.97 10.16
CA GLN B 419 20.33 -35.57 11.38
C GLN B 419 18.90 -35.13 11.68
N ALA B 420 18.37 -34.24 10.86
CA ALA B 420 16.94 -33.89 10.95
C ALA B 420 16.05 -34.89 10.21
N ALA B 421 16.62 -35.76 9.41
CA ALA B 421 15.81 -36.64 8.56
C ALA B 421 14.75 -37.46 9.32
N PRO B 422 15.15 -38.10 10.43
CA PRO B 422 14.24 -38.95 11.21
C PRO B 422 13.06 -38.22 11.88
N THR B 423 12.98 -36.91 11.71
CA THR B 423 11.83 -36.16 12.21
C THR B 423 10.66 -36.32 11.27
N LEU B 424 10.92 -36.83 10.07
CA LEU B 424 9.91 -36.91 9.02
C LEU B 424 9.07 -38.17 9.10
N ASP B 425 9.35 -39.01 10.09
CA ASP B 425 8.53 -40.19 10.33
C ASP B 425 7.34 -39.82 11.19
N GLU B 426 7.50 -38.77 11.99
CA GLU B 426 6.40 -38.22 12.78
C GLU B 426 5.31 -37.65 11.88
N LEU B 427 5.47 -37.85 10.57
CA LEU B 427 4.60 -37.29 9.56
C LEU B 427 3.81 -38.35 8.80
N LYS B 428 2.48 -38.24 8.83
CA LYS B 428 1.62 -39.21 8.15
C LYS B 428 1.08 -38.62 6.86
N LEU B 429 1.61 -39.08 5.73
CA LEU B 429 1.10 -38.67 4.42
C LEU B 429 0.94 -39.88 3.51
N GLU B 430 0.14 -39.73 2.47
CA GLU B 430 -0.19 -40.82 1.55
C GLU B 430 0.32 -40.52 0.15
N GLY B 431 0.92 -41.51 -0.49
CA GLY B 431 1.32 -41.40 -1.89
C GLY B 431 2.11 -40.16 -2.26
N ASP B 432 1.68 -39.44 -3.30
CA ASP B 432 2.49 -38.36 -3.89
C ASP B 432 3.04 -37.36 -2.85
N GLU B 433 2.22 -36.93 -1.91
CA GLU B 433 2.66 -36.01 -0.88
C GLU B 433 3.57 -36.75 0.10
N ALA B 434 3.45 -38.08 0.13
CA ALA B 434 4.30 -38.88 1.00
C ALA B 434 5.66 -39.15 0.35
N THR B 435 5.66 -39.26 -0.98
CA THR B 435 6.89 -39.46 -1.69
C THR B 435 7.67 -38.17 -1.64
N GLY B 436 6.99 -37.07 -1.96
CA GLY B 436 7.57 -35.74 -1.90
C GLY B 436 8.20 -35.47 -0.56
N ALA B 437 7.61 -36.04 0.48
CA ALA B 437 8.18 -35.95 1.81
C ALA B 437 9.48 -36.77 1.90
N ASN B 438 9.45 -37.97 1.34
CA ASN B 438 10.62 -38.85 1.40
C ASN B 438 11.73 -38.42 0.46
N ILE B 439 11.38 -37.53 -0.47
CA ILE B 439 12.37 -36.95 -1.35
C ILE B 439 13.22 -35.97 -0.54
N VAL B 440 12.54 -35.05 0.14
CA VAL B 440 13.23 -34.16 1.08
C VAL B 440 14.08 -35.01 2.04
N LYS B 441 13.55 -36.13 2.49
CA LYS B 441 14.28 -36.90 3.49
C LYS B 441 15.67 -37.31 2.98
N VAL B 442 15.72 -37.62 1.69
CA VAL B 442 16.96 -38.01 1.02
C VAL B 442 17.86 -36.82 0.71
N ALA B 443 17.25 -35.69 0.36
CA ALA B 443 18.00 -34.48 0.06
C ALA B 443 18.71 -33.91 1.29
N LEU B 444 18.06 -34.00 2.44
CA LEU B 444 18.62 -33.56 3.70
C LEU B 444 20.04 -34.04 3.94
N GLU B 445 20.42 -35.13 3.29
CA GLU B 445 21.81 -35.59 3.40
C GLU B 445 22.76 -35.03 2.34
N ALA B 446 22.23 -34.52 1.25
CA ALA B 446 23.05 -34.04 0.14
C ALA B 446 24.22 -33.14 0.57
N PRO B 447 23.94 -32.07 1.37
CA PRO B 447 25.02 -31.16 1.79
C PRO B 447 26.21 -31.89 2.41
N LEU B 448 25.96 -32.73 3.40
CA LEU B 448 27.01 -33.52 4.02
C LEU B 448 27.72 -34.42 3.01
N LYS B 449 26.94 -35.24 2.31
CA LYS B 449 27.49 -36.14 1.31
C LYS B 449 28.36 -35.37 0.32
N GLN B 450 27.90 -34.18 -0.06
CA GLN B 450 28.64 -33.34 -0.99
C GLN B 450 29.97 -32.91 -0.40
N ILE B 451 29.96 -32.49 0.86
CA ILE B 451 31.18 -32.09 1.50
C ILE B 451 32.20 -33.23 1.54
N ALA B 452 31.78 -34.39 2.02
CA ALA B 452 32.67 -35.54 2.14
C ALA B 452 33.26 -35.94 0.80
N PHE B 453 32.58 -35.60 -0.29
CA PHE B 453 33.08 -35.93 -1.62
C PHE B 453 34.26 -35.03 -2.00
N ASN B 454 34.11 -33.74 -1.74
CA ASN B 454 35.20 -32.79 -1.91
C ASN B 454 36.36 -33.17 -1.02
N SER B 455 36.03 -33.56 0.21
CA SER B 455 36.97 -34.09 1.20
C SER B 455 37.71 -35.34 0.65
N GLY B 456 37.25 -35.86 -0.48
CA GLY B 456 37.81 -37.08 -1.05
C GLY B 456 37.61 -38.28 -0.13
N LEU B 457 36.50 -38.28 0.61
CA LEU B 457 36.07 -39.44 1.37
C LEU B 457 34.93 -40.08 0.60
N GLU B 458 34.29 -41.09 1.20
CA GLU B 458 33.26 -41.90 0.53
C GLU B 458 31.83 -41.53 0.97
N PRO B 459 31.11 -40.78 0.12
CA PRO B 459 29.77 -40.22 0.36
C PRO B 459 28.80 -41.14 1.09
N GLY B 460 28.39 -42.24 0.46
CA GLY B 460 27.57 -43.24 1.13
C GLY B 460 28.14 -43.58 2.51
N VAL B 461 29.43 -43.87 2.55
CA VAL B 461 30.08 -44.27 3.78
C VAL B 461 30.04 -43.20 4.89
N VAL B 462 30.22 -41.93 4.54
CA VAL B 462 30.22 -40.90 5.58
C VAL B 462 28.80 -40.64 6.05
N ALA B 463 27.85 -40.73 5.12
CA ALA B 463 26.44 -40.55 5.44
C ALA B 463 25.98 -41.65 6.38
N GLU B 464 26.65 -42.79 6.34
CA GLU B 464 26.33 -43.87 7.26
C GLU B 464 27.12 -43.86 8.58
N LYS B 465 28.25 -43.15 8.63
CA LYS B 465 28.96 -43.00 9.90
C LYS B 465 28.46 -41.78 10.68
N VAL B 466 27.63 -40.97 10.04
CA VAL B 466 27.06 -39.80 10.70
C VAL B 466 25.62 -40.04 11.09
N ARG B 467 24.90 -40.74 10.23
CA ARG B 467 23.52 -41.12 10.49
C ARG B 467 23.44 -41.87 11.82
N ASN B 468 24.61 -42.18 12.39
CA ASN B 468 24.72 -42.94 13.63
C ASN B 468 25.55 -42.25 14.72
N LEU B 469 25.49 -40.93 14.84
CA LEU B 469 26.33 -40.29 15.87
C LEU B 469 25.55 -39.34 16.77
N PRO B 470 26.17 -38.90 17.88
CA PRO B 470 25.47 -37.98 18.77
C PRO B 470 24.97 -36.74 18.03
N ALA B 471 23.81 -36.25 18.45
CA ALA B 471 23.21 -35.06 17.83
C ALA B 471 24.13 -33.87 18.04
N GLY B 472 24.95 -33.60 17.05
CA GLY B 472 25.87 -32.50 17.07
C GLY B 472 27.27 -32.85 16.61
N HIS B 473 27.45 -34.09 16.24
CA HIS B 473 28.74 -34.59 15.87
C HIS B 473 28.66 -35.09 14.44
N GLY B 474 29.69 -34.77 13.66
CA GLY B 474 29.83 -35.29 12.31
C GLY B 474 31.19 -34.95 11.73
N LEU B 475 31.35 -35.23 10.44
CA LEU B 475 32.61 -34.98 9.74
C LEU B 475 33.01 -33.50 9.68
N ASN B 476 34.20 -33.21 10.20
CA ASN B 476 34.78 -31.88 10.12
C ASN B 476 35.90 -31.93 9.07
N ALA B 477 35.72 -31.24 7.94
CA ALA B 477 36.69 -31.32 6.84
C ALA B 477 37.96 -30.48 7.04
N GLN B 478 38.00 -29.71 8.12
CA GLN B 478 39.19 -28.98 8.54
C GLN B 478 40.22 -29.92 9.15
N THR B 479 39.88 -30.45 10.32
CA THR B 479 40.69 -31.48 10.97
C THR B 479 40.60 -32.83 10.24
N GLY B 480 39.40 -33.26 9.89
CA GLY B 480 39.19 -34.58 9.31
C GLY B 480 38.65 -35.48 10.40
N VAL B 481 38.55 -34.91 11.61
CA VAL B 481 38.24 -35.62 12.83
C VAL B 481 36.76 -35.52 13.18
N TYR B 482 36.06 -36.64 13.05
CA TYR B 482 34.69 -36.73 13.53
C TYR B 482 34.60 -36.35 15.00
N GLU B 483 33.85 -35.29 15.30
CA GLU B 483 33.82 -34.71 16.63
C GLU B 483 32.53 -33.91 16.80
N ASP B 484 32.29 -33.37 17.98
CA ASP B 484 31.21 -32.42 18.13
C ASP B 484 31.58 -31.21 17.28
N LEU B 485 30.84 -30.97 16.20
CA LEU B 485 31.16 -29.88 15.27
C LEU B 485 30.89 -28.51 15.87
N LEU B 486 29.98 -28.46 16.84
CA LEU B 486 29.67 -27.23 17.54
C LEU B 486 30.85 -26.82 18.38
N ALA B 487 31.23 -27.74 19.26
CA ALA B 487 32.48 -27.64 20.00
C ALA B 487 33.57 -27.04 19.10
N ALA B 488 33.86 -27.74 18.01
CA ALA B 488 34.98 -27.41 17.13
C ALA B 488 34.95 -26.02 16.50
N GLY B 489 33.80 -25.35 16.57
CA GLY B 489 33.64 -24.09 15.87
C GLY B 489 33.27 -24.25 14.41
N VAL B 490 32.71 -25.41 14.08
CA VAL B 490 32.12 -25.65 12.77
C VAL B 490 30.69 -25.49 13.31
N ALA B 491 30.01 -24.45 12.87
CA ALA B 491 28.66 -24.10 13.31
C ALA B 491 28.03 -23.37 12.11
N ASP B 492 26.86 -22.79 12.35
CA ASP B 492 26.11 -22.10 11.31
C ASP B 492 25.06 -21.40 12.17
N PRO B 493 24.62 -20.22 11.73
CA PRO B 493 23.41 -19.56 12.24
C PRO B 493 22.20 -20.27 11.63
N VAL B 494 21.21 -20.62 12.43
CA VAL B 494 20.20 -21.51 11.89
C VAL B 494 19.28 -20.81 10.88
N LYS B 495 19.25 -19.48 10.92
CA LYS B 495 18.55 -18.73 9.89
C LYS B 495 19.03 -19.24 8.54
N VAL B 496 20.35 -19.21 8.34
CA VAL B 496 21.00 -19.67 7.12
C VAL B 496 20.67 -21.12 6.65
N THR B 497 20.68 -22.08 7.56
CA THR B 497 20.34 -23.46 7.20
C THR B 497 18.85 -23.55 6.86
N ARG B 498 18.03 -22.77 7.57
CA ARG B 498 16.61 -22.82 7.31
C ARG B 498 16.27 -22.11 5.99
N SER B 499 16.88 -20.96 5.75
CA SER B 499 16.71 -20.27 4.47
C SER B 499 17.07 -21.20 3.31
N ALA B 500 18.22 -21.85 3.45
CA ALA B 500 18.81 -22.65 2.40
C ALA B 500 17.88 -23.76 1.97
N LEU B 501 17.30 -24.44 2.95
CA LEU B 501 16.32 -25.48 2.67
C LEU B 501 15.10 -24.87 1.98
N GLN B 502 14.58 -23.79 2.51
CA GLN B 502 13.38 -23.21 1.93
C GLN B 502 13.53 -22.83 0.44
N ASN B 503 14.63 -22.19 0.09
CA ASN B 503 14.85 -21.84 -1.30
C ASN B 503 14.99 -23.06 -2.18
N ALA B 504 15.91 -23.93 -1.79
CA ALA B 504 16.14 -25.17 -2.51
C ALA B 504 14.80 -25.82 -2.80
N ALA B 505 13.83 -25.62 -1.90
CA ALA B 505 12.53 -26.28 -2.01
C ALA B 505 11.51 -25.50 -2.83
N SER B 506 11.77 -24.22 -3.04
CA SER B 506 10.95 -23.43 -3.94
C SER B 506 11.44 -23.78 -5.33
N ILE B 507 12.73 -23.57 -5.53
CA ILE B 507 13.40 -23.87 -6.78
C ILE B 507 13.00 -25.25 -7.28
N ALA B 508 13.10 -26.23 -6.38
CA ALA B 508 12.82 -27.62 -6.74
C ALA B 508 11.33 -27.80 -7.07
N GLY B 509 10.48 -27.11 -6.31
CA GLY B 509 9.05 -27.15 -6.55
C GLY B 509 8.71 -26.60 -7.92
N LEU B 510 9.25 -25.43 -8.22
CA LEU B 510 8.97 -24.75 -9.46
C LEU B 510 9.36 -25.60 -10.65
N PHE B 511 10.33 -26.47 -10.44
CA PHE B 511 10.94 -27.19 -11.54
C PHE B 511 10.05 -28.31 -11.92
N LEU B 512 9.53 -28.97 -10.90
CA LEU B 512 8.68 -30.11 -11.11
C LEU B 512 7.26 -29.68 -11.48
N THR B 513 7.13 -28.41 -11.86
CA THR B 513 5.82 -27.82 -12.11
C THR B 513 5.79 -26.96 -13.37
N THR B 514 6.93 -26.36 -13.72
CA THR B 514 7.08 -25.60 -14.96
C THR B 514 8.05 -26.29 -15.91
MG MG C . -16.07 8.58 11.01
#